data_2WXR
#
_entry.id   2WXR
#
_cell.length_a   143.310
_cell.length_b   64.500
_cell.length_c   117.130
_cell.angle_alpha   90.00
_cell.angle_beta   103.94
_cell.angle_gamma   90.00
#
_symmetry.space_group_name_H-M   'C 1 2 1'
#
loop_
_entity.id
_entity.type
_entity.pdbx_description
1 polymer 'PHOSPHATIDYLINOSITOL-4,5-BISPHOSPHATE 3-KINASE CATALYTIC SUBUNIT DELTA ISOFORM'
2 water water
#
_entity_poly.entity_id   1
_entity_poly.type   'polypeptide(L)'
_entity_poly.pdbx_seq_one_letter_code
;GGDRVKKLINSQISLLIGKGLHEFDSLRDPEVNDFRTKMRQFCEEAAAHRQQLGWVEWLQYSFPLQLEPSARGWRAGLLR
VSNRALLVNVKFEGSEESFTFQVSTKDMPLALMACALRKKATVFRQPLVEQPEEYALQVNGRHEYLYGNYPLCHFQYICS
CLHSGLTPHLTMVHSSSILAMRDEQSNPAPQVQKPRAKPPPIPAKKPSSVSLWSLEQPFSIELIEGRKVNADERMKLVVQ
AGLFHGNEMLCKTVSSSEVNVCSEPVWKQRLEFDISVCDLPRMARLCFALYAVVEKAKKARSTKKKSKKADCPIAWANLM
LFDYKDQLKTGERCLYMWPSVPDEKGELLNPAGTVRGNPNTESAAALVIYLPEVAPHPVYFPALEKILELGRHGERGRIT
EEEQLQLREILERRGSGELYEHEKDLVWKMRHEVQEHFPEALARLLLVTKWNKHEDVAQMLYLLCSWPELPVLSALELLD
FSFPDCYVGSFAIKSLRKLTDDELFQYLLQLVQVLKYESYLDCELTKFLLGRALANRKIGHFLFWHLRSEMHVPSVALRF
GLIMEAYCRGSTHHMKVLMKQGEALSKLKALNDFVKVSSQKTTKPQTKEMMHMCMRQETYMEALSHLQSPLDPSTLLEEV
CVEQCTFMDSKMKPLWIMYSSEEAGSAGNVGIIFKNGDDLRQDMLTLQMIQLMDVLWKQEGLDLRMTPYGCLPTGDRTGL
IEVVLHSDTIANIQLNKSNMAATAAFNKDALLNWLKSKNPGEALDRAIEEFTLSCAGYCVATYVLGIGDRHSDNIMIRES
GQLFHIDFGHFLGNFKTKFGINRERVPFILTYDFVHVIQQGKTNNSEKFERFRGYCERAYTILRRHGLLFLHLFALMRAA
GLPELSCSKDIQYLKDSLALGKTEEEALKHFRVKFNEALRESWKTKVNWLAHNVSKDNRQ
;
_entity_poly.pdbx_strand_id   A
#
# COMPACT_ATOMS: atom_id res chain seq x y z
N VAL A 5 -32.20 -15.67 -2.66
CA VAL A 5 -30.85 -15.66 -3.29
C VAL A 5 -30.14 -14.34 -3.01
N LYS A 6 -30.87 -13.25 -3.17
CA LYS A 6 -30.44 -11.91 -2.80
C LYS A 6 -30.19 -11.87 -1.27
N LYS A 7 -30.88 -12.75 -0.55
CA LYS A 7 -30.56 -13.09 0.83
C LYS A 7 -29.16 -13.72 1.00
N LEU A 8 -28.91 -14.81 0.29
CA LEU A 8 -27.62 -15.53 0.31
C LEU A 8 -26.43 -14.60 0.06
N ILE A 9 -26.57 -13.76 -0.96
CA ILE A 9 -25.53 -12.82 -1.35
C ILE A 9 -25.19 -11.86 -0.23
N ASN A 10 -26.21 -11.20 0.30
CA ASN A 10 -26.08 -10.26 1.42
C ASN A 10 -25.41 -10.90 2.61
N SER A 11 -25.82 -12.10 2.94
CA SER A 11 -25.23 -12.80 4.07
C SER A 11 -23.75 -13.11 3.81
N GLN A 12 -23.42 -13.40 2.56
CA GLN A 12 -22.04 -13.68 2.23
C GLN A 12 -21.21 -12.40 2.26
N ILE A 13 -21.75 -11.29 1.77
CA ILE A 13 -21.05 -10.01 1.90
C ILE A 13 -20.75 -9.77 3.38
N SER A 14 -21.75 -9.79 4.22
CA SER A 14 -21.53 -9.59 5.66
C SER A 14 -20.39 -10.46 6.19
N LEU A 15 -20.40 -11.74 5.80
CA LEU A 15 -19.40 -12.68 6.22
C LEU A 15 -18.02 -12.19 5.73
N LEU A 16 -17.94 -11.80 4.47
CA LEU A 16 -16.69 -11.41 3.84
C LEU A 16 -16.04 -10.14 4.43
N ILE A 17 -16.83 -9.09 4.57
CA ILE A 17 -16.33 -7.77 4.99
C ILE A 17 -16.19 -7.66 6.49
N GLY A 18 -16.56 -8.72 7.19
CA GLY A 18 -16.43 -8.76 8.63
C GLY A 18 -17.37 -7.86 9.40
N LYS A 19 -18.46 -7.47 8.74
CA LYS A 19 -19.47 -6.59 9.32
C LYS A 19 -20.83 -6.83 8.68
N GLY A 20 -21.86 -6.81 9.51
CA GLY A 20 -23.22 -7.16 9.09
C GLY A 20 -23.85 -5.96 8.43
N LEU A 21 -24.47 -6.19 7.27
CA LEU A 21 -25.15 -5.14 6.51
C LEU A 21 -26.23 -4.44 7.39
N HIS A 22 -26.77 -5.17 8.36
CA HIS A 22 -27.84 -4.66 9.23
C HIS A 22 -27.32 -3.46 10.00
N GLU A 23 -26.02 -3.46 10.23
CA GLU A 23 -25.42 -2.40 10.97
C GLU A 23 -25.45 -1.08 10.19
N PHE A 24 -25.45 -1.11 8.87
CA PHE A 24 -25.60 0.13 8.10
C PHE A 24 -27.00 0.77 8.27
N ASP A 25 -28.05 -0.03 8.03
CA ASP A 25 -29.45 0.41 8.19
C ASP A 25 -29.72 1.02 9.56
N SER A 26 -29.45 0.25 10.61
CA SER A 26 -29.65 0.70 11.99
C SER A 26 -29.21 2.13 12.26
N LEU A 27 -28.24 2.62 11.49
CA LEU A 27 -27.73 4.00 11.61
C LEU A 27 -28.74 5.07 11.13
N ARG A 28 -29.80 4.64 10.43
CA ARG A 28 -30.80 5.54 9.87
C ARG A 28 -30.14 6.82 9.37
N ASP A 29 -29.17 6.69 8.46
CA ASP A 29 -28.36 7.82 7.94
C ASP A 29 -28.49 8.07 6.41
N PRO A 30 -29.04 9.26 6.02
CA PRO A 30 -29.15 9.62 4.60
C PRO A 30 -27.83 9.41 3.87
N GLU A 31 -26.72 9.87 4.45
CA GLU A 31 -25.41 9.82 3.80
C GLU A 31 -25.01 8.40 3.41
N VAL A 32 -24.92 7.52 4.40
CA VAL A 32 -24.74 6.10 4.19
C VAL A 32 -25.70 5.55 3.12
N ASN A 33 -27.01 5.81 3.30
CA ASN A 33 -28.07 5.44 2.33
C ASN A 33 -27.75 5.78 0.89
N ASP A 34 -27.32 7.03 0.67
CA ASP A 34 -27.10 7.52 -0.67
C ASP A 34 -25.81 6.91 -1.21
N PHE A 35 -24.74 6.97 -0.42
CA PHE A 35 -23.52 6.25 -0.72
C PHE A 35 -23.80 4.80 -1.13
N ARG A 36 -24.59 4.10 -0.31
CA ARG A 36 -24.96 2.73 -0.64
C ARG A 36 -25.77 2.59 -1.92
N THR A 37 -26.70 3.49 -2.18
CA THR A 37 -27.52 3.33 -3.37
C THR A 37 -26.81 3.79 -4.65
N LYS A 38 -26.12 4.92 -4.58
CA LYS A 38 -25.41 5.44 -5.77
C LYS A 38 -24.23 4.56 -6.18
N MET A 39 -23.38 4.21 -5.22
CA MET A 39 -22.25 3.33 -5.47
C MET A 39 -22.65 1.92 -5.89
N ARG A 40 -23.77 1.41 -5.37
CA ARG A 40 -24.31 0.13 -5.85
C ARG A 40 -24.58 0.17 -7.37
N GLN A 41 -25.24 1.25 -7.81
CA GLN A 41 -25.58 1.47 -9.20
C GLN A 41 -24.32 1.58 -10.04
N PHE A 42 -23.38 2.38 -9.55
CA PHE A 42 -22.15 2.60 -10.23
C PHE A 42 -21.43 1.26 -10.50
N CYS A 43 -21.22 0.51 -9.43
CA CYS A 43 -20.61 -0.81 -9.50
C CYS A 43 -21.35 -1.86 -10.33
N GLU A 44 -22.68 -1.81 -10.32
CA GLU A 44 -23.47 -2.70 -11.16
C GLU A 44 -23.29 -2.48 -12.66
N GLU A 45 -23.16 -1.22 -13.09
CA GLU A 45 -23.01 -0.89 -14.51
C GLU A 45 -21.62 -1.32 -14.98
N ALA A 46 -20.65 -1.15 -14.11
CA ALA A 46 -19.32 -1.69 -14.36
C ALA A 46 -19.36 -3.19 -14.62
N ALA A 47 -20.20 -3.93 -13.90
CA ALA A 47 -20.19 -5.37 -14.08
C ALA A 47 -20.88 -5.78 -15.38
N ALA A 48 -21.86 -5.01 -15.82
CA ALA A 48 -22.56 -5.30 -17.08
C ALA A 48 -21.60 -5.09 -18.24
N HIS A 49 -20.84 -4.02 -18.13
CA HIS A 49 -19.75 -3.70 -19.04
C HIS A 49 -18.81 -4.89 -19.18
N ARG A 50 -18.51 -5.51 -18.05
CA ARG A 50 -17.60 -6.62 -17.93
C ARG A 50 -18.10 -7.85 -18.68
N GLN A 51 -19.39 -8.10 -18.60
CA GLN A 51 -19.99 -9.28 -19.22
C GLN A 51 -19.97 -9.29 -20.75
N GLN A 52 -19.81 -8.12 -21.36
CA GLN A 52 -19.87 -8.03 -22.81
C GLN A 52 -18.52 -7.76 -23.50
N LEU A 53 -17.45 -7.66 -22.71
CA LEU A 53 -16.08 -7.52 -23.21
C LEU A 53 -15.63 -8.61 -24.19
N GLY A 54 -14.71 -8.24 -25.07
CA GLY A 54 -14.04 -9.20 -25.94
C GLY A 54 -13.16 -10.07 -25.08
N TRP A 55 -12.87 -11.27 -25.58
CA TRP A 55 -12.17 -12.22 -24.75
C TRP A 55 -10.77 -11.75 -24.38
N VAL A 56 -10.10 -11.09 -25.31
CA VAL A 56 -8.82 -10.54 -24.98
C VAL A 56 -9.03 -9.48 -23.87
N GLU A 57 -10.03 -8.64 -24.03
CA GLU A 57 -10.25 -7.57 -23.06
C GLU A 57 -10.58 -8.11 -21.70
N TRP A 58 -11.17 -9.30 -21.67
CA TRP A 58 -11.48 -9.98 -20.44
C TRP A 58 -10.19 -10.45 -19.81
N LEU A 59 -9.28 -10.96 -20.62
CA LEU A 59 -8.02 -11.44 -20.08
C LEU A 59 -7.32 -10.29 -19.40
N GLN A 60 -7.28 -9.15 -20.09
CA GLN A 60 -6.75 -7.90 -19.53
C GLN A 60 -7.38 -7.61 -18.16
N TYR A 61 -8.70 -7.81 -18.02
CA TYR A 61 -9.38 -7.70 -16.71
C TYR A 61 -8.96 -8.79 -15.68
N SER A 62 -9.06 -10.06 -16.06
CA SER A 62 -8.89 -11.15 -15.09
C SER A 62 -7.41 -11.41 -14.79
N PHE A 63 -6.58 -11.45 -15.83
CA PHE A 63 -5.18 -11.72 -15.66
C PHE A 63 -4.33 -10.64 -16.35
N PRO A 64 -4.25 -9.43 -15.75
CA PRO A 64 -3.46 -8.37 -16.38
C PRO A 64 -1.97 -8.76 -16.50
N LEU A 65 -1.36 -8.46 -17.62
CA LEU A 65 -0.01 -8.89 -17.92
C LEU A 65 1.03 -8.48 -16.89
N GLN A 66 2.02 -9.35 -16.71
CA GLN A 66 3.08 -9.10 -15.75
C GLN A 66 4.36 -8.92 -16.52
N LEU A 67 4.62 -7.68 -16.89
CA LEU A 67 5.69 -7.32 -17.79
C LEU A 67 6.87 -6.81 -17.00
N GLU A 68 8.06 -6.89 -17.58
CA GLU A 68 9.27 -6.33 -17.02
C GLU A 68 9.29 -4.82 -17.21
N PRO A 69 9.67 -4.08 -16.15
CA PRO A 69 9.72 -2.61 -16.07
C PRO A 69 10.13 -1.89 -17.35
N ASN A 83 18.05 -12.70 -30.82
CA ASN A 83 19.09 -12.56 -29.82
C ASN A 83 19.52 -13.92 -29.30
N ARG A 84 18.78 -14.48 -28.34
CA ARG A 84 19.08 -15.80 -27.78
C ARG A 84 17.89 -16.74 -27.74
N ALA A 85 18.15 -18.01 -28.07
CA ALA A 85 17.10 -19.02 -28.08
C ALA A 85 16.86 -19.52 -26.67
N LEU A 86 15.65 -20.00 -26.40
CA LEU A 86 15.38 -20.71 -25.15
C LEU A 86 14.44 -21.89 -25.38
N LEU A 87 14.30 -22.72 -24.34
CA LEU A 87 13.56 -23.97 -24.44
C LEU A 87 12.24 -23.87 -23.67
N VAL A 88 11.14 -24.27 -24.30
CA VAL A 88 9.80 -24.05 -23.73
C VAL A 88 8.93 -25.28 -23.97
N ASN A 89 8.15 -25.67 -22.97
CA ASN A 89 7.13 -26.74 -23.10
C ASN A 89 5.71 -26.17 -23.21
N VAL A 90 5.03 -26.49 -24.30
CA VAL A 90 3.66 -26.05 -24.55
C VAL A 90 2.78 -27.29 -24.64
N LYS A 91 1.47 -27.11 -24.55
CA LYS A 91 0.50 -28.22 -24.49
C LYS A 91 -0.88 -27.60 -24.53
N PHE A 92 -1.87 -28.39 -24.90
CA PHE A 92 -3.23 -27.88 -25.01
C PHE A 92 -3.99 -28.37 -23.83
N GLU A 93 -5.18 -27.82 -23.60
CA GLU A 93 -5.99 -28.16 -22.42
C GLU A 93 -6.38 -29.65 -22.31
N GLY A 94 -7.01 -30.16 -23.38
CA GLY A 94 -7.48 -31.57 -23.46
C GLY A 94 -6.45 -32.57 -22.98
N SER A 95 -5.68 -33.15 -23.91
CA SER A 95 -4.65 -34.13 -23.56
C SER A 95 -3.52 -33.55 -22.70
N GLU A 96 -2.73 -34.43 -22.10
CA GLU A 96 -1.48 -34.03 -21.43
C GLU A 96 -0.25 -34.37 -22.29
N GLU A 97 -0.45 -34.49 -23.59
CA GLU A 97 0.66 -34.57 -24.49
C GLU A 97 1.22 -33.17 -24.64
N SER A 98 2.53 -33.07 -24.45
CA SER A 98 3.24 -31.81 -24.53
C SER A 98 4.39 -31.86 -25.53
N PHE A 99 4.64 -30.73 -26.16
CA PHE A 99 5.75 -30.59 -27.11
C PHE A 99 6.77 -29.66 -26.48
N THR A 100 8.00 -29.70 -26.97
CA THR A 100 9.01 -28.78 -26.47
C THR A 100 9.69 -28.07 -27.62
N PHE A 101 9.56 -26.74 -27.64
CA PHE A 101 10.09 -25.93 -28.74
C PHE A 101 11.39 -25.21 -28.40
N GLN A 102 12.05 -24.73 -29.44
CA GLN A 102 13.20 -23.89 -29.25
C GLN A 102 12.95 -22.61 -30.05
N VAL A 103 12.92 -21.48 -29.35
CA VAL A 103 12.71 -20.15 -29.97
C VAL A 103 13.45 -19.01 -29.28
N SER A 104 13.63 -17.92 -30.03
CA SER A 104 14.25 -16.71 -29.55
C SER A 104 13.49 -16.07 -28.40
N THR A 105 14.23 -15.57 -27.42
CA THR A 105 13.67 -14.73 -26.37
C THR A 105 12.87 -13.56 -26.95
N LYS A 106 13.22 -13.10 -28.15
CA LYS A 106 12.61 -11.91 -28.72
C LYS A 106 11.33 -12.19 -29.52
N ASP A 107 10.93 -13.46 -29.59
CA ASP A 107 9.72 -13.84 -30.33
C ASP A 107 8.46 -13.41 -29.61
N MET A 108 7.50 -12.89 -30.35
CA MET A 108 6.14 -12.60 -29.85
C MET A 108 5.48 -13.89 -29.40
N PRO A 109 4.62 -13.83 -28.36
CA PRO A 109 3.87 -15.01 -27.91
C PRO A 109 3.11 -15.69 -29.07
N LEU A 110 2.65 -14.89 -30.02
CA LEU A 110 1.94 -15.38 -31.22
C LEU A 110 2.79 -16.29 -32.12
N ALA A 111 4.07 -15.93 -32.28
CA ALA A 111 5.05 -16.73 -33.01
C ALA A 111 5.16 -18.13 -32.41
N LEU A 112 5.19 -18.20 -31.09
CA LEU A 112 5.24 -19.45 -30.38
C LEU A 112 3.95 -20.24 -30.52
N MET A 113 2.82 -19.53 -30.48
CA MET A 113 1.54 -20.20 -30.66
C MET A 113 1.47 -20.89 -32.04
N ALA A 114 2.01 -20.22 -33.06
CA ALA A 114 2.04 -20.74 -34.42
C ALA A 114 2.82 -22.06 -34.54
N CYS A 115 3.89 -22.19 -33.74
CA CYS A 115 4.63 -23.45 -33.59
C CYS A 115 3.74 -24.58 -33.10
N ALA A 116 3.18 -24.35 -31.91
CA ALA A 116 2.37 -25.31 -31.23
C ALA A 116 1.37 -25.95 -32.18
N LEU A 117 0.64 -25.10 -32.90
CA LEU A 117 -0.41 -25.56 -33.78
C LEU A 117 0.12 -26.37 -34.96
N ARG A 118 1.30 -26.00 -35.44
CA ARG A 118 1.98 -26.78 -36.45
C ARG A 118 2.31 -28.17 -35.93
N LYS A 119 2.75 -28.25 -34.67
CA LYS A 119 3.02 -29.54 -34.02
C LYS A 119 1.76 -30.38 -33.88
N LYS A 120 0.70 -29.79 -33.34
CA LYS A 120 -0.59 -30.46 -33.20
C LYS A 120 -1.11 -30.93 -34.55
N ALA A 121 -1.16 -30.01 -35.50
CA ALA A 121 -1.62 -30.31 -36.85
C ALA A 121 -0.80 -31.40 -37.56
N THR A 122 0.48 -31.56 -37.21
CA THR A 122 1.24 -32.70 -37.74
C THR A 122 0.84 -34.01 -37.04
N VAL A 123 1.00 -34.08 -35.70
CA VAL A 123 0.62 -35.26 -34.91
C VAL A 123 -0.83 -35.69 -35.18
N PHE A 124 -1.75 -34.72 -35.16
CA PHE A 124 -3.18 -34.96 -35.45
C PHE A 124 -3.50 -35.28 -36.91
N ARG A 125 -2.51 -35.18 -37.80
CA ARG A 125 -2.72 -35.30 -39.24
C ARG A 125 -3.58 -34.14 -39.82
N GLN A 126 -3.73 -33.05 -39.06
CA GLN A 126 -4.38 -31.80 -39.48
C GLN A 126 -5.90 -31.88 -39.62
N GLN A 131 -5.08 -21.34 -36.59
CA GLN A 131 -5.40 -19.92 -36.38
C GLN A 131 -4.84 -19.30 -35.08
N PRO A 132 -3.58 -18.83 -35.12
CA PRO A 132 -2.85 -18.46 -33.91
C PRO A 132 -3.52 -17.39 -33.04
N GLU A 133 -4.23 -16.45 -33.65
CA GLU A 133 -4.88 -15.36 -32.92
C GLU A 133 -6.02 -15.82 -32.01
N GLU A 134 -6.48 -17.05 -32.18
CA GLU A 134 -7.57 -17.60 -31.34
C GLU A 134 -7.13 -17.92 -29.90
N TYR A 135 -5.84 -17.80 -29.61
CA TYR A 135 -5.37 -18.26 -28.32
C TYR A 135 -4.63 -17.27 -27.47
N ALA A 136 -4.42 -17.73 -26.25
CA ALA A 136 -3.53 -17.10 -25.35
C ALA A 136 -2.83 -18.23 -24.60
N LEU A 137 -1.63 -17.92 -24.11
CA LEU A 137 -0.85 -18.89 -23.35
C LEU A 137 -0.99 -18.75 -21.84
N GLN A 138 -1.43 -19.83 -21.20
CA GLN A 138 -1.48 -19.83 -19.74
C GLN A 138 -0.18 -20.36 -19.19
N VAL A 139 0.32 -19.74 -18.12
CA VAL A 139 1.40 -20.31 -17.36
C VAL A 139 0.81 -21.47 -16.57
N ASN A 140 1.43 -22.65 -16.65
CA ASN A 140 0.90 -23.86 -15.97
C ASN A 140 0.68 -23.69 -14.46
N GLY A 141 -0.55 -23.94 -14.02
CA GLY A 141 -0.92 -23.85 -12.60
C GLY A 141 -0.97 -22.47 -11.94
N ARG A 142 -0.96 -21.41 -12.75
CA ARG A 142 -1.05 -20.03 -12.27
C ARG A 142 -2.20 -19.30 -12.95
N HIS A 143 -2.70 -18.23 -12.32
CA HIS A 143 -3.51 -17.25 -13.07
C HIS A 143 -2.70 -16.24 -13.89
N GLU A 144 -1.94 -16.76 -14.85
CA GLU A 144 -1.06 -15.90 -15.59
C GLU A 144 -1.09 -16.26 -17.06
N TYR A 145 -0.94 -15.24 -17.88
CA TYR A 145 -1.19 -15.44 -19.27
C TYR A 145 -0.19 -14.70 -20.08
N LEU A 146 0.20 -15.30 -21.20
CA LEU A 146 1.05 -14.63 -22.14
C LEU A 146 0.34 -14.37 -23.44
N TYR A 147 0.30 -13.08 -23.77
CA TYR A 147 -0.31 -12.53 -24.97
C TYR A 147 0.23 -11.13 -25.01
N GLY A 148 -0.10 -10.37 -26.04
CA GLY A 148 0.36 -9.01 -26.16
C GLY A 148 1.39 -8.93 -27.28
N ASN A 149 1.67 -7.69 -27.69
CA ASN A 149 2.68 -7.43 -28.70
C ASN A 149 4.05 -7.20 -28.03
N TYR A 150 4.57 -8.27 -27.40
CA TYR A 150 5.80 -8.21 -26.58
C TYR A 150 6.76 -9.40 -26.76
N PRO A 151 8.07 -9.16 -26.62
CA PRO A 151 9.03 -10.26 -26.68
C PRO A 151 8.91 -11.12 -25.43
N LEU A 152 9.02 -12.43 -25.57
CA LEU A 152 8.85 -13.34 -24.43
C LEU A 152 9.65 -12.86 -23.22
N CYS A 153 10.88 -12.41 -23.45
CA CYS A 153 11.73 -11.96 -22.36
C CYS A 153 11.17 -10.77 -21.59
N HIS A 154 10.33 -9.95 -22.24
CA HIS A 154 9.62 -8.84 -21.57
C HIS A 154 8.63 -9.31 -20.51
N PHE A 155 8.13 -10.53 -20.65
CA PHE A 155 7.19 -11.10 -19.68
C PHE A 155 7.92 -11.52 -18.41
N GLN A 156 7.49 -10.97 -17.29
CA GLN A 156 8.08 -11.32 -15.99
C GLN A 156 8.40 -12.80 -15.77
N TYR A 157 7.52 -13.69 -16.28
CA TYR A 157 7.70 -15.13 -16.16
C TYR A 157 8.82 -15.67 -17.03
N ILE A 158 8.82 -15.34 -18.32
CA ILE A 158 9.91 -15.75 -19.19
C ILE A 158 11.19 -15.21 -18.63
N CYS A 159 11.17 -13.94 -18.21
CA CYS A 159 12.31 -13.29 -17.58
C CYS A 159 12.87 -14.05 -16.37
N SER A 160 11.98 -14.38 -15.46
CA SER A 160 12.29 -15.19 -14.30
C SER A 160 12.93 -16.50 -14.71
N CYS A 161 12.25 -17.24 -15.59
CA CYS A 161 12.69 -18.58 -16.04
C CYS A 161 14.15 -18.56 -16.46
N LEU A 162 14.53 -17.53 -17.20
CA LEU A 162 15.90 -17.35 -17.68
C LEU A 162 16.91 -17.21 -16.53
N HIS A 163 16.48 -16.68 -15.40
CA HIS A 163 17.37 -16.54 -14.25
C HIS A 163 17.55 -17.81 -13.42
N SER A 164 16.47 -18.30 -12.81
CA SER A 164 16.51 -19.52 -12.00
C SER A 164 16.76 -20.78 -12.84
N GLY A 165 16.92 -20.57 -14.16
CA GLY A 165 17.39 -21.61 -15.09
C GLY A 165 16.33 -22.40 -15.85
N LEU A 166 15.17 -22.59 -15.22
CA LEU A 166 14.09 -23.47 -15.70
C LEU A 166 13.53 -23.21 -17.11
N THR A 167 12.88 -24.23 -17.68
CA THR A 167 12.16 -24.18 -18.97
C THR A 167 10.78 -23.60 -18.76
N PRO A 168 10.41 -22.56 -19.52
CA PRO A 168 9.05 -22.03 -19.45
C PRO A 168 7.99 -23.12 -19.72
N HIS A 169 6.86 -23.10 -19.01
CA HIS A 169 5.83 -24.12 -19.18
C HIS A 169 4.43 -23.56 -19.37
N LEU A 170 3.90 -23.70 -20.60
CA LEU A 170 2.67 -22.99 -21.01
C LEU A 170 1.58 -23.85 -21.64
N THR A 171 0.32 -23.49 -21.42
CA THR A 171 -0.79 -24.18 -22.06
C THR A 171 -1.49 -23.26 -23.03
N MET A 172 -1.78 -23.82 -24.20
CA MET A 172 -2.55 -23.15 -25.24
C MET A 172 -4.01 -23.14 -24.87
N VAL A 173 -4.50 -21.96 -24.53
CA VAL A 173 -5.90 -21.81 -24.20
C VAL A 173 -6.67 -21.11 -25.32
N HIS A 174 -7.69 -21.81 -25.79
CA HIS A 174 -8.55 -21.31 -26.85
C HIS A 174 -9.46 -20.21 -26.34
N SER A 175 -9.93 -19.37 -27.25
CA SER A 175 -10.74 -18.20 -26.90
C SER A 175 -12.13 -18.55 -26.40
N SER A 176 -12.70 -19.65 -26.89
CA SER A 176 -14.01 -20.15 -26.42
C SER A 176 -13.92 -20.75 -25.03
N SER A 177 -12.72 -21.21 -24.67
CA SER A 177 -12.45 -21.69 -23.31
C SER A 177 -12.44 -20.50 -22.36
N ILE A 178 -11.83 -19.39 -22.83
CA ILE A 178 -11.82 -18.15 -22.06
C ILE A 178 -13.22 -17.53 -21.93
N LEU A 179 -13.92 -17.31 -23.05
CA LEU A 179 -15.28 -16.79 -23.01
C LEU A 179 -16.17 -17.57 -22.06
N ALA A 180 -15.93 -18.89 -21.97
CA ALA A 180 -16.66 -19.76 -21.05
C ALA A 180 -16.44 -19.40 -19.58
N MET A 181 -15.22 -18.95 -19.27
CA MET A 181 -14.87 -18.49 -17.94
C MET A 181 -15.56 -17.19 -17.63
N ARG A 182 -15.58 -16.28 -18.61
CA ARG A 182 -16.26 -15.01 -18.47
C ARG A 182 -17.75 -15.28 -18.27
N ASP A 183 -18.27 -16.23 -19.03
CA ASP A 183 -19.65 -16.63 -18.86
C ASP A 183 -19.99 -17.04 -17.43
N GLU A 184 -19.15 -17.90 -16.83
CA GLU A 184 -19.40 -18.41 -15.48
C GLU A 184 -19.34 -17.38 -14.36
N GLN A 185 -18.76 -16.22 -14.63
CA GLN A 185 -18.56 -15.19 -13.60
C GLN A 185 -19.63 -14.09 -13.56
N SER A 186 -20.77 -14.36 -14.20
CA SER A 186 -21.90 -13.42 -14.28
C SER A 186 -22.58 -13.14 -12.94
N ASN A 187 -23.22 -11.96 -12.79
CA ASN A 187 -23.84 -11.52 -11.50
C ASN A 187 -25.20 -12.18 -11.12
N LEU A 212 -24.86 31.84 2.31
CA LEU A 212 -24.02 32.15 1.17
C LEU A 212 -23.28 33.46 1.48
N TRP A 213 -23.09 34.30 0.48
CA TRP A 213 -22.30 35.51 0.68
C TRP A 213 -22.85 36.47 1.75
N SER A 214 -24.17 36.49 1.93
CA SER A 214 -24.82 37.52 2.74
C SER A 214 -24.19 37.66 4.13
N LEU A 215 -24.26 36.57 4.88
CA LEU A 215 -23.82 36.48 6.28
C LEU A 215 -22.41 37.05 6.56
N GLU A 216 -22.36 38.22 7.20
CA GLU A 216 -21.08 38.91 7.48
C GLU A 216 -20.61 38.78 8.95
N GLN A 217 -21.53 38.51 9.87
CA GLN A 217 -21.21 38.43 11.28
C GLN A 217 -20.24 37.29 11.55
N PRO A 218 -19.53 37.33 12.72
CA PRO A 218 -18.59 36.27 13.09
C PRO A 218 -19.22 34.86 13.00
N PHE A 219 -18.43 33.82 12.74
CA PHE A 219 -18.94 32.45 12.94
C PHE A 219 -18.77 32.15 14.42
N SER A 220 -19.56 31.20 14.95
CA SER A 220 -19.54 30.85 16.36
C SER A 220 -20.52 29.73 16.69
N ILE A 221 -20.05 28.76 17.52
CA ILE A 221 -20.93 27.72 18.06
C ILE A 221 -21.39 28.20 19.42
N GLU A 222 -22.46 27.58 19.92
CA GLU A 222 -22.68 27.56 21.35
C GLU A 222 -22.18 26.21 21.84
N LEU A 223 -21.43 26.27 22.94
CA LEU A 223 -21.06 25.09 23.69
C LEU A 223 -22.04 24.91 24.85
N ILE A 224 -22.93 23.93 24.70
CA ILE A 224 -23.91 23.61 25.74
C ILE A 224 -23.27 22.80 26.87
N GLU A 225 -23.06 21.50 26.65
CA GLU A 225 -22.63 20.60 27.73
C GLU A 225 -21.91 19.32 27.22
N GLY A 226 -21.40 18.51 28.16
CA GLY A 226 -20.83 17.19 27.86
C GLY A 226 -21.19 16.16 28.92
N ARG A 227 -20.68 14.92 28.81
CA ARG A 227 -20.87 13.89 29.87
C ARG A 227 -19.76 12.83 29.97
N LYS A 228 -18.59 13.29 30.39
CA LYS A 228 -17.33 12.57 30.25
C LYS A 228 -16.93 11.62 31.38
N VAL A 229 -15.72 11.84 31.92
CA VAL A 229 -15.13 11.11 33.09
C VAL A 229 -13.66 11.46 33.42
N ASN A 230 -13.40 12.00 34.63
CA ASN A 230 -11.99 12.30 35.06
C ASN A 230 -11.58 12.71 36.51
N ALA A 231 -10.54 13.59 36.58
CA ALA A 231 -9.65 13.84 37.73
C ALA A 231 -9.42 15.33 38.08
N MET A 235 -8.69 19.81 40.49
CA MET A 235 -8.15 20.09 39.14
C MET A 235 -9.26 20.41 38.13
N LYS A 236 -8.96 21.34 37.20
CA LYS A 236 -9.98 21.94 36.32
C LYS A 236 -9.92 21.48 34.86
N LEU A 237 -11.03 21.66 34.15
CA LEU A 237 -11.18 21.23 32.74
C LEU A 237 -11.56 22.39 31.80
N VAL A 238 -10.98 22.38 30.59
CA VAL A 238 -11.22 23.39 29.54
C VAL A 238 -11.35 22.79 28.13
N VAL A 239 -12.12 23.47 27.26
CA VAL A 239 -12.21 23.10 25.85
C VAL A 239 -11.49 24.14 25.01
N GLN A 240 -10.85 23.69 23.93
CA GLN A 240 -10.33 24.59 22.91
C GLN A 240 -10.96 24.19 21.60
N ALA A 241 -11.10 25.18 20.72
CA ALA A 241 -11.69 24.98 19.43
C ALA A 241 -10.96 25.84 18.41
N GLY A 242 -10.81 25.33 17.19
CA GLY A 242 -10.19 26.11 16.11
C GLY A 242 -10.85 25.82 14.78
N LEU A 243 -10.87 26.82 13.90
CA LEU A 243 -11.43 26.61 12.57
C LEU A 243 -10.29 26.31 11.62
N PHE A 244 -10.33 25.11 11.06
CA PHE A 244 -9.25 24.63 10.20
C PHE A 244 -9.68 24.43 8.77
N HIS A 245 -8.81 24.88 7.88
CA HIS A 245 -8.81 24.41 6.49
C HIS A 245 -7.54 23.53 6.27
N GLY A 246 -7.61 22.27 6.71
CA GLY A 246 -6.49 21.34 6.59
C GLY A 246 -5.48 21.61 7.70
N ASN A 247 -4.22 21.76 7.33
CA ASN A 247 -3.17 22.12 8.29
C ASN A 247 -3.29 23.46 9.00
N GLU A 248 -3.58 24.52 8.25
CA GLU A 248 -3.57 25.89 8.81
C GLU A 248 -4.90 26.37 9.45
N MET A 249 -4.77 27.15 10.51
CA MET A 249 -5.91 27.81 11.17
C MET A 249 -6.50 28.93 10.30
N LEU A 250 -7.83 28.99 10.22
CA LEU A 250 -8.51 30.06 9.50
C LEU A 250 -8.72 31.30 10.38
N CYS A 251 -8.24 31.23 11.62
CA CYS A 251 -8.26 32.33 12.59
C CYS A 251 -7.62 31.80 13.87
N LYS A 252 -7.29 32.69 14.81
CA LYS A 252 -6.72 32.23 16.09
C LYS A 252 -7.70 31.28 16.79
N THR A 253 -7.19 30.33 17.57
CA THR A 253 -8.09 29.45 18.31
C THR A 253 -8.72 30.23 19.45
N VAL A 254 -9.72 29.62 20.11
CA VAL A 254 -10.36 30.25 21.27
C VAL A 254 -10.74 29.21 22.34
N SER A 255 -10.59 29.57 23.60
CA SER A 255 -10.73 28.61 24.68
C SER A 255 -12.04 28.79 25.49
N SER A 256 -12.31 27.79 26.35
CA SER A 256 -13.37 27.82 27.35
C SER A 256 -12.89 28.54 28.61
N SER A 257 -13.78 28.67 29.60
CA SER A 257 -13.38 29.09 30.93
C SER A 257 -13.18 27.85 31.82
N GLU A 258 -12.13 27.89 32.66
CA GLU A 258 -11.80 26.82 33.61
C GLU A 258 -12.94 26.48 34.54
N VAL A 259 -13.31 25.19 34.49
CA VAL A 259 -14.35 24.59 35.31
C VAL A 259 -13.77 23.33 35.90
N ASN A 260 -14.02 23.09 37.18
CA ASN A 260 -13.53 21.90 37.88
C ASN A 260 -13.95 20.59 37.18
N VAL A 261 -13.22 19.50 37.45
CA VAL A 261 -13.45 18.16 36.86
C VAL A 261 -14.91 17.58 37.03
N CYS A 262 -15.80 18.47 37.47
CA CYS A 262 -17.25 18.34 37.47
C CYS A 262 -17.86 17.68 36.22
N SER A 263 -18.70 16.67 36.41
CA SER A 263 -19.70 16.30 35.39
C SER A 263 -19.25 15.24 34.37
N GLU A 264 -19.99 14.98 33.27
CA GLU A 264 -21.34 15.53 32.87
C GLU A 264 -21.53 17.07 32.64
N PRO A 265 -20.48 17.79 32.19
CA PRO A 265 -20.38 19.27 32.28
C PRO A 265 -21.38 20.08 31.47
N VAL A 266 -21.43 21.37 31.74
CA VAL A 266 -22.32 22.29 31.04
C VAL A 266 -21.61 23.65 30.89
N TRP A 267 -21.72 24.29 29.71
CA TRP A 267 -21.12 25.61 29.47
C TRP A 267 -22.10 26.69 29.00
N LYS A 268 -23.18 26.27 28.34
CA LYS A 268 -24.04 27.15 27.51
C LYS A 268 -23.42 28.55 27.19
N GLN A 269 -22.22 28.53 26.62
CA GLN A 269 -21.52 29.75 26.17
C GLN A 269 -21.51 29.72 24.63
N ARG A 270 -21.80 30.89 24.03
CA ARG A 270 -21.39 31.12 22.63
C ARG A 270 -19.88 31.22 22.62
N LEU A 271 -19.27 30.71 21.56
CA LEU A 271 -17.86 30.87 21.33
C LEU A 271 -17.75 31.55 19.98
N GLU A 272 -17.23 32.78 20.00
CA GLU A 272 -17.13 33.60 18.81
C GLU A 272 -15.86 33.35 18.02
N PHE A 273 -16.03 33.09 16.73
CA PHE A 273 -14.89 32.88 15.85
C PHE A 273 -14.56 34.15 15.05
N ASP A 274 -13.27 34.46 15.04
CA ASP A 274 -12.72 35.74 14.60
C ASP A 274 -12.57 35.66 13.06
N ILE A 275 -13.73 35.55 12.40
CA ILE A 275 -13.90 35.33 10.95
C ILE A 275 -15.41 35.45 10.66
N SER A 276 -15.70 35.87 9.35
CA SER A 276 -17.05 36.05 8.85
C SER A 276 -17.59 34.78 8.19
N VAL A 277 -18.88 34.49 8.42
CA VAL A 277 -19.50 33.23 7.95
C VAL A 277 -19.54 33.08 6.42
N CYS A 278 -19.72 34.20 5.72
CA CYS A 278 -19.64 34.23 4.26
C CYS A 278 -18.22 33.93 3.73
N ASP A 279 -17.25 33.91 4.64
CA ASP A 279 -15.87 33.60 4.31
C ASP A 279 -15.58 32.10 4.33
N LEU A 280 -16.22 31.35 5.23
CA LEU A 280 -15.93 29.93 5.43
C LEU A 280 -15.82 29.12 4.13
N PRO A 281 -14.68 28.43 3.90
CA PRO A 281 -14.60 27.64 2.66
C PRO A 281 -15.43 26.36 2.72
N ARG A 282 -15.77 25.83 1.53
CA ARG A 282 -16.61 24.65 1.37
C ARG A 282 -16.30 23.55 2.36
N MET A 283 -15.03 23.46 2.75
CA MET A 283 -14.47 22.37 3.58
C MET A 283 -14.03 22.86 4.96
N ALA A 284 -14.60 23.96 5.40
CA ALA A 284 -14.45 24.40 6.78
C ALA A 284 -14.60 23.21 7.72
N ARG A 285 -13.55 22.95 8.50
CA ARG A 285 -13.55 21.85 9.46
C ARG A 285 -13.33 22.42 10.87
N LEU A 286 -14.26 22.13 11.80
CA LEU A 286 -14.28 22.63 13.19
C LEU A 286 -13.88 21.57 14.21
N CYS A 287 -12.84 21.87 15.00
CA CYS A 287 -12.12 20.89 15.85
C CYS A 287 -12.05 21.23 17.32
N PHE A 288 -12.42 20.25 18.16
CA PHE A 288 -12.46 20.45 19.61
C PHE A 288 -11.44 19.58 20.35
N ALA A 289 -10.86 20.16 21.39
CA ALA A 289 -10.01 19.42 22.31
C ALA A 289 -10.43 19.73 23.74
N LEU A 290 -10.47 18.69 24.57
CA LEU A 290 -10.78 18.86 25.97
C LEU A 290 -9.73 18.19 26.83
N TYR A 291 -9.20 18.94 27.79
CA TYR A 291 -8.04 18.53 28.58
C TYR A 291 -8.13 19.08 30.01
N ALA A 292 -7.34 18.51 30.92
CA ALA A 292 -7.32 18.98 32.31
C ALA A 292 -6.17 19.96 32.59
N VAL A 293 -6.32 20.71 33.68
CA VAL A 293 -5.37 21.77 34.06
C VAL A 293 -5.58 22.26 35.51
N VAL A 294 -4.51 22.76 36.14
CA VAL A 294 -4.60 23.40 37.47
C VAL A 294 -4.95 24.92 37.35
N ASP A 311 -0.91 20.60 32.11
CA ASP A 311 -1.80 20.39 30.96
C ASP A 311 -2.00 18.92 30.70
N CYS A 312 -3.24 18.49 30.55
CA CYS A 312 -3.52 17.06 30.50
C CYS A 312 -4.69 16.63 29.61
N PRO A 313 -4.40 15.91 28.52
CA PRO A 313 -5.36 15.78 27.45
C PRO A 313 -6.24 14.56 27.63
N ILE A 314 -7.48 14.68 27.21
CA ILE A 314 -8.42 13.60 27.43
C ILE A 314 -9.10 13.13 26.16
N ALA A 315 -9.54 14.06 25.33
CA ALA A 315 -10.32 13.72 24.15
C ALA A 315 -10.38 14.83 23.12
N TRP A 316 -10.78 14.45 21.91
CA TRP A 316 -10.96 15.37 20.80
C TRP A 316 -12.09 14.88 19.90
N ALA A 317 -12.58 15.77 19.03
CA ALA A 317 -13.36 15.36 17.85
C ALA A 317 -13.61 16.54 16.92
N ASN A 318 -13.85 16.26 15.63
CA ASN A 318 -14.08 17.30 14.62
C ASN A 318 -15.38 17.12 13.83
N LEU A 319 -15.94 18.21 13.31
CA LEU A 319 -17.00 18.12 12.30
C LEU A 319 -16.84 19.10 11.15
N MET A 320 -17.29 18.67 9.98
CA MET A 320 -17.45 19.56 8.84
C MET A 320 -18.52 20.56 9.19
N LEU A 321 -18.30 21.81 8.79
CA LEU A 321 -19.27 22.88 9.04
C LEU A 321 -20.47 22.78 8.10
N PHE A 322 -20.23 22.37 6.85
CA PHE A 322 -21.30 22.04 5.93
C PHE A 322 -21.56 20.53 5.94
N ASP A 323 -22.81 20.14 5.73
CA ASP A 323 -23.21 18.75 5.59
C ASP A 323 -22.67 18.22 4.26
N TYR A 324 -23.11 17.03 3.85
CA TYR A 324 -22.65 16.47 2.57
C TYR A 324 -23.42 16.93 1.34
N LYS A 325 -24.43 17.77 1.55
CA LYS A 325 -25.15 18.41 0.45
C LYS A 325 -24.97 19.92 0.51
N ASP A 326 -23.74 20.30 0.82
CA ASP A 326 -23.28 21.68 0.78
C ASP A 326 -24.06 22.62 1.70
N GLN A 327 -25.13 22.13 2.28
CA GLN A 327 -25.90 22.95 3.19
C GLN A 327 -25.15 23.12 4.50
N LEU A 328 -25.03 24.37 4.94
CA LEU A 328 -24.47 24.67 6.26
C LEU A 328 -25.32 24.01 7.32
N LYS A 329 -24.67 23.58 8.39
CA LYS A 329 -25.33 22.86 9.46
C LYS A 329 -25.91 23.81 10.51
N THR A 330 -27.06 23.41 11.05
CA THR A 330 -27.64 23.95 12.29
C THR A 330 -28.60 22.86 12.77
N GLY A 331 -28.93 22.83 14.06
CA GLY A 331 -28.43 23.74 15.09
C GLY A 331 -27.58 22.98 16.09
N GLU A 332 -28.21 22.09 16.86
CA GLU A 332 -27.54 21.34 17.92
C GLU A 332 -26.91 20.00 17.49
N ARG A 333 -25.70 19.77 17.99
CA ARG A 333 -25.02 18.52 17.74
C ARG A 333 -24.57 17.84 19.00
N CYS A 334 -24.68 16.51 19.00
CA CYS A 334 -24.05 15.66 19.99
C CYS A 334 -22.77 15.05 19.40
N LEU A 335 -21.69 14.99 20.19
CA LEU A 335 -20.36 14.69 19.63
C LEU A 335 -19.58 13.67 20.42
N TYR A 336 -19.43 12.48 19.84
CA TYR A 336 -18.82 11.36 20.55
C TYR A 336 -17.33 11.34 20.35
N MET A 337 -16.61 11.66 21.42
CA MET A 337 -15.19 11.98 21.34
C MET A 337 -14.27 10.77 21.39
N TRP A 338 -13.09 10.96 20.82
CA TRP A 338 -12.01 9.99 20.83
C TRP A 338 -10.95 10.38 21.89
N PRO A 339 -10.46 9.40 22.66
CA PRO A 339 -9.47 9.65 23.72
C PRO A 339 -8.05 9.99 23.22
N SER A 340 -7.20 10.56 24.08
CA SER A 340 -5.92 11.18 23.69
C SER A 340 -4.61 10.35 23.86
N VAL A 341 -3.49 10.92 23.37
CA VAL A 341 -2.14 10.30 23.29
C VAL A 341 -1.59 9.73 24.60
N LEU A 348 -2.92 19.51 21.59
CA LEU A 348 -4.34 19.33 21.91
C LEU A 348 -5.22 19.18 20.65
N LEU A 349 -5.09 20.11 19.70
CA LEU A 349 -5.98 20.15 18.52
C LEU A 349 -5.55 19.18 17.43
N ASN A 350 -6.49 18.37 16.94
CA ASN A 350 -6.17 17.31 15.97
C ASN A 350 -6.91 17.47 14.63
N PRO A 351 -6.51 18.49 13.84
CA PRO A 351 -7.25 18.83 12.60
C PRO A 351 -7.42 17.62 11.69
N ALA A 352 -6.45 16.72 11.76
CA ALA A 352 -6.36 15.61 10.83
C ALA A 352 -7.16 14.36 11.24
N GLY A 353 -7.72 14.36 12.46
CA GLY A 353 -8.57 13.26 12.86
C GLY A 353 -9.83 13.22 12.02
N THR A 354 -10.47 12.05 11.95
CA THR A 354 -11.75 11.85 11.25
C THR A 354 -12.81 12.85 11.72
N VAL A 355 -13.76 13.15 10.85
CA VAL A 355 -14.87 14.06 11.15
C VAL A 355 -16.15 13.32 11.50
N ARG A 356 -16.04 12.05 11.83
CA ARG A 356 -17.19 11.25 12.18
C ARG A 356 -16.99 10.82 13.61
N GLY A 357 -18.09 10.74 14.36
CA GLY A 357 -18.02 10.46 15.78
C GLY A 357 -17.54 9.07 16.15
N ASN A 358 -17.12 8.93 17.40
CA ASN A 358 -16.74 7.64 18.03
C ASN A 358 -17.95 6.68 18.14
N PRO A 359 -17.86 5.50 17.52
CA PRO A 359 -18.95 4.50 17.55
C PRO A 359 -19.26 3.93 18.93
N ASN A 360 -18.28 3.90 19.82
CA ASN A 360 -18.48 3.39 21.16
C ASN A 360 -19.23 4.46 21.86
N THR A 361 -20.49 4.58 21.47
CA THR A 361 -21.30 5.72 21.86
C THR A 361 -21.62 5.67 23.34
N GLU A 362 -21.83 4.47 23.87
CA GLU A 362 -22.09 4.28 25.31
C GLU A 362 -20.94 4.75 26.20
N SER A 363 -19.71 4.40 25.82
CA SER A 363 -18.55 4.68 26.66
C SER A 363 -17.82 5.99 26.28
N ALA A 364 -18.10 6.52 25.09
CA ALA A 364 -17.50 7.78 24.66
C ALA A 364 -18.10 9.00 25.35
N ALA A 365 -17.20 9.85 25.82
CA ALA A 365 -17.54 11.19 26.24
C ALA A 365 -18.21 11.91 25.07
N ALA A 366 -19.26 12.68 25.37
CA ALA A 366 -20.08 13.31 24.32
C ALA A 366 -20.37 14.80 24.55
N LEU A 367 -19.94 15.64 23.59
CA LEU A 367 -20.24 17.07 23.63
C LEU A 367 -21.51 17.36 22.85
N VAL A 368 -22.33 18.28 23.40
CA VAL A 368 -23.36 18.92 22.60
C VAL A 368 -22.98 20.37 22.37
N ILE A 369 -23.23 20.81 21.15
CA ILE A 369 -22.91 22.17 20.76
C ILE A 369 -24.08 22.69 19.94
N TYR A 370 -24.09 23.99 19.63
CA TYR A 370 -25.17 24.51 18.82
C TYR A 370 -24.66 25.38 17.67
N LEU A 371 -24.70 24.80 16.46
CA LEU A 371 -24.47 25.53 15.22
C LEU A 371 -25.72 26.36 14.99
N PRO A 372 -25.59 27.70 15.02
CA PRO A 372 -26.79 28.50 14.95
C PRO A 372 -27.37 28.51 13.54
N GLU A 373 -28.62 28.97 13.45
CA GLU A 373 -29.33 29.04 12.18
C GLU A 373 -29.57 30.48 11.80
N VAL A 374 -28.76 30.99 10.87
CA VAL A 374 -28.91 32.38 10.45
C VAL A 374 -30.11 32.58 9.49
N ALA A 375 -31.34 32.40 10.04
CA ALA A 375 -32.65 32.65 9.37
C ALA A 375 -32.95 31.78 8.04
N PRO A 378 -32.48 27.42 4.56
CA PRO A 378 -31.34 26.69 4.07
C PRO A 378 -30.40 27.59 3.31
N VAL A 379 -29.11 27.40 3.55
CA VAL A 379 -28.10 28.00 2.69
C VAL A 379 -27.15 26.92 2.19
N TYR A 380 -26.81 27.02 0.92
CA TYR A 380 -25.90 26.10 0.28
C TYR A 380 -24.60 26.82 -0.08
N PHE A 381 -23.55 26.04 -0.31
CA PHE A 381 -22.35 26.64 -0.86
C PHE A 381 -22.67 26.97 -2.30
N PRO A 382 -22.45 28.23 -2.67
CA PRO A 382 -22.83 28.68 -4.00
C PRO A 382 -22.29 27.72 -5.06
N ALA A 383 -23.11 27.42 -6.08
CA ALA A 383 -22.70 26.53 -7.18
C ALA A 383 -21.50 27.12 -7.92
N LEU A 384 -20.87 26.29 -8.75
CA LEU A 384 -19.70 26.74 -9.48
C LEU A 384 -20.00 27.86 -10.48
N GLU A 385 -21.20 27.83 -11.06
CA GLU A 385 -21.66 28.91 -11.95
C GLU A 385 -21.35 30.27 -11.33
N LYS A 386 -21.82 30.46 -10.11
CA LYS A 386 -21.64 31.69 -9.33
C LYS A 386 -20.18 31.95 -9.04
N ILE A 387 -19.44 30.90 -8.69
CA ILE A 387 -18.00 31.02 -8.39
C ILE A 387 -17.21 31.63 -9.59
N LEU A 388 -17.37 31.03 -10.77
CA LEU A 388 -16.90 31.62 -12.04
C LEU A 388 -17.47 33.04 -12.25
N GLU A 389 -18.79 33.20 -12.06
CA GLU A 389 -19.41 34.53 -12.13
C GLU A 389 -18.54 35.54 -11.38
N LEU A 390 -18.20 35.23 -10.13
CA LEU A 390 -17.35 36.12 -9.33
C LEU A 390 -15.89 35.99 -9.71
N LEU A 407 14.04 38.80 -9.11
CA LEU A 407 13.03 39.12 -8.10
C LEU A 407 12.06 37.96 -7.90
N ARG A 408 11.77 37.25 -8.99
CA ARG A 408 10.59 36.41 -9.03
C ARG A 408 10.76 34.91 -8.83
N GLU A 409 11.26 34.20 -9.85
CA GLU A 409 11.39 32.75 -9.80
C GLU A 409 12.46 32.26 -8.83
N ILE A 410 13.36 33.15 -8.42
CA ILE A 410 14.51 32.86 -7.51
C ILE A 410 14.20 31.93 -6.34
N LEU A 411 13.02 32.13 -5.75
CA LEU A 411 12.56 31.41 -4.58
C LEU A 411 12.01 30.01 -4.94
N GLU A 412 11.55 29.90 -6.18
CA GLU A 412 10.65 28.83 -6.63
C GLU A 412 11.30 27.49 -7.07
N ARG A 413 11.69 26.65 -6.10
CA ARG A 413 12.29 25.34 -6.38
C ARG A 413 11.61 24.21 -5.63
N GLU A 418 8.94 26.84 1.86
CA GLU A 418 9.47 27.70 2.90
C GLU A 418 9.67 29.15 2.38
N LEU A 419 8.58 29.93 2.31
CA LEU A 419 8.66 31.28 1.70
C LEU A 419 8.09 32.46 2.53
N TYR A 420 8.73 33.62 2.38
CA TYR A 420 8.46 34.79 3.23
C TYR A 420 7.13 35.48 2.97
N GLU A 421 6.81 36.43 3.83
CA GLU A 421 5.55 37.16 3.76
C GLU A 421 5.42 37.93 2.45
N HIS A 422 6.44 38.70 2.10
CA HIS A 422 6.40 39.41 0.81
C HIS A 422 6.44 38.42 -0.34
N GLU A 423 7.18 37.34 -0.18
CA GLU A 423 7.32 36.36 -1.24
C GLU A 423 5.95 35.80 -1.67
N LYS A 424 5.12 35.45 -0.69
CA LYS A 424 3.75 35.00 -0.98
C LYS A 424 2.97 36.02 -1.81
N ASP A 425 3.11 37.30 -1.43
CA ASP A 425 2.42 38.43 -2.10
C ASP A 425 2.68 38.47 -3.60
N LEU A 426 3.95 38.26 -3.99
CA LEU A 426 4.39 38.33 -5.38
C LEU A 426 3.75 37.18 -6.16
N VAL A 427 3.61 36.03 -5.49
CA VAL A 427 2.97 34.84 -6.06
C VAL A 427 1.52 35.12 -6.35
N TRP A 428 0.75 35.33 -5.28
CA TRP A 428 -0.67 35.56 -5.45
C TRP A 428 -0.90 36.63 -6.52
N LYS A 429 0.04 37.57 -6.65
CA LYS A 429 -0.07 38.63 -7.65
C LYS A 429 0.14 38.12 -9.06
N MET A 430 1.30 37.49 -9.29
CA MET A 430 1.60 36.83 -10.57
C MET A 430 0.68 35.65 -10.87
N ARG A 431 -0.34 35.45 -10.04
CA ARG A 431 -1.16 34.23 -10.07
C ARG A 431 -1.64 33.78 -11.46
N HIS A 432 -1.84 34.70 -12.39
CA HIS A 432 -2.15 34.31 -13.76
C HIS A 432 -0.93 33.80 -14.52
N GLU A 433 0.23 34.42 -14.29
CA GLU A 433 1.45 34.04 -15.00
C GLU A 433 1.95 32.67 -14.53
N VAL A 434 1.40 32.23 -13.40
CA VAL A 434 1.62 30.89 -12.87
C VAL A 434 0.79 29.89 -13.68
N GLN A 435 -0.51 30.14 -13.80
CA GLN A 435 -1.36 29.36 -14.70
C GLN A 435 -0.79 29.38 -16.11
N GLU A 436 -0.28 30.55 -16.50
CA GLU A 436 0.29 30.76 -17.81
C GLU A 436 1.63 30.07 -18.01
N HIS A 437 2.58 30.29 -17.11
CA HIS A 437 3.95 29.88 -17.42
C HIS A 437 4.59 28.97 -16.41
N PHE A 438 3.85 28.57 -15.38
CA PHE A 438 4.40 27.72 -14.32
C PHE A 438 3.38 26.75 -13.72
N PRO A 439 2.58 26.08 -14.57
CA PRO A 439 1.52 25.25 -14.01
C PRO A 439 2.00 24.27 -12.93
N GLU A 440 3.25 23.82 -12.99
CA GLU A 440 3.76 22.84 -12.03
C GLU A 440 3.90 23.42 -10.62
N ALA A 441 3.65 24.71 -10.49
CA ALA A 441 3.74 25.34 -9.18
C ALA A 441 2.37 25.61 -8.58
N LEU A 442 1.32 25.08 -9.23
CA LEU A 442 -0.05 25.13 -8.73
C LEU A 442 -0.14 25.06 -7.22
N ALA A 443 0.45 24.02 -6.64
CA ALA A 443 0.39 23.84 -5.21
C ALA A 443 0.98 25.03 -4.45
N ARG A 444 2.16 25.51 -4.81
CA ARG A 444 2.72 26.65 -4.07
C ARG A 444 1.77 27.85 -3.99
N LEU A 445 1.03 28.07 -5.06
CA LEU A 445 0.09 29.18 -5.13
C LEU A 445 -1.12 28.90 -4.24
N LEU A 446 -1.50 27.62 -4.14
CA LEU A 446 -2.59 27.18 -3.25
C LEU A 446 -2.29 27.39 -1.76
N LEU A 447 -1.05 27.07 -1.38
CA LEU A 447 -0.57 27.34 -0.03
C LEU A 447 -0.21 28.80 0.19
N VAL A 448 -0.38 29.64 -0.83
CA VAL A 448 -0.38 31.06 -0.55
C VAL A 448 -1.80 31.65 -0.52
N THR A 449 -2.76 30.99 -1.17
CA THR A 449 -4.12 31.58 -1.24
C THR A 449 -4.86 31.72 0.08
N LYS A 450 -5.65 32.79 0.16
CA LYS A 450 -6.37 33.20 1.36
C LYS A 450 -7.63 32.35 1.54
N TRP A 451 -7.46 31.20 2.16
CA TRP A 451 -8.59 30.31 2.37
C TRP A 451 -9.64 30.93 3.29
N ASN A 452 -9.20 31.80 4.20
CA ASN A 452 -10.13 32.47 5.16
C ASN A 452 -10.71 33.76 4.63
N LYS A 453 -10.52 34.00 3.33
CA LYS A 453 -11.11 35.16 2.71
C LYS A 453 -11.80 34.72 1.42
N HIS A 454 -13.13 34.68 1.47
CA HIS A 454 -13.94 34.15 0.39
C HIS A 454 -13.56 34.70 -1.01
N GLU A 455 -13.35 36.01 -1.15
CA GLU A 455 -13.01 36.63 -2.44
C GLU A 455 -11.85 35.89 -3.10
N ASP A 456 -10.78 35.73 -2.34
CA ASP A 456 -9.53 35.21 -2.90
C ASP A 456 -9.65 33.74 -3.29
N VAL A 457 -10.43 32.98 -2.52
CA VAL A 457 -10.78 31.62 -2.88
C VAL A 457 -11.58 31.57 -4.19
N ALA A 458 -12.33 32.63 -4.49
CA ALA A 458 -13.10 32.68 -5.74
C ALA A 458 -12.19 32.80 -6.96
N GLN A 459 -11.24 33.72 -6.91
CA GLN A 459 -10.31 33.93 -8.03
C GLN A 459 -9.43 32.71 -8.24
N MET A 460 -9.00 32.13 -7.12
CA MET A 460 -8.16 30.93 -7.13
C MET A 460 -8.86 29.78 -7.83
N LEU A 461 -10.10 29.51 -7.44
CA LEU A 461 -10.89 28.50 -8.13
C LEU A 461 -11.05 28.84 -9.63
N TYR A 462 -11.44 30.08 -9.95
CA TYR A 462 -11.56 30.51 -11.37
C TYR A 462 -10.34 30.10 -12.20
N LEU A 463 -9.14 30.40 -11.69
CA LEU A 463 -7.90 29.91 -12.28
C LEU A 463 -7.89 28.39 -12.39
N LEU A 464 -8.14 27.66 -11.29
CA LEU A 464 -8.06 26.20 -11.33
C LEU A 464 -8.94 25.55 -12.39
N CYS A 465 -10.08 26.18 -12.69
CA CYS A 465 -11.06 25.59 -13.59
C CYS A 465 -10.63 25.39 -15.02
N SER A 466 -9.51 26.02 -15.40
CA SER A 466 -8.97 25.86 -16.73
C SER A 466 -7.45 25.64 -16.65
N TRP A 467 -7.00 25.24 -15.45
CA TRP A 467 -5.61 24.88 -15.23
C TRP A 467 -5.35 23.63 -16.07
N PRO A 468 -4.19 23.54 -16.71
CA PRO A 468 -3.97 22.30 -17.44
C PRO A 468 -3.71 21.13 -16.47
N GLU A 469 -4.13 19.93 -16.86
CA GLU A 469 -3.81 18.73 -16.11
C GLU A 469 -2.30 18.67 -15.85
N LEU A 470 -1.94 18.22 -14.65
CA LEU A 470 -0.54 18.07 -14.23
C LEU A 470 -0.02 16.62 -14.31
N PRO A 471 1.33 16.43 -14.25
CA PRO A 471 1.90 15.07 -14.16
C PRO A 471 1.65 14.37 -12.80
N VAL A 472 1.51 13.05 -12.88
CA VAL A 472 1.14 12.20 -11.77
C VAL A 472 1.84 12.62 -10.48
N LEU A 473 3.15 12.87 -10.60
CA LEU A 473 3.97 13.23 -9.46
C LEU A 473 3.40 14.43 -8.70
N SER A 474 3.09 15.51 -9.44
CA SER A 474 2.44 16.69 -8.87
C SER A 474 1.04 16.36 -8.34
N ALA A 475 0.25 15.63 -9.13
CA ALA A 475 -1.04 15.08 -8.64
C ALA A 475 -0.92 14.38 -7.28
N LEU A 476 0.11 13.57 -7.08
CA LEU A 476 0.24 12.80 -5.82
C LEU A 476 0.51 13.73 -4.65
N GLU A 477 1.08 14.89 -4.96
CA GLU A 477 1.32 15.95 -4.00
C GLU A 477 -0.02 16.62 -3.63
N LEU A 478 -0.80 16.91 -4.66
CA LEU A 478 -2.13 17.49 -4.51
C LEU A 478 -3.08 16.74 -3.61
N LEU A 479 -2.85 15.42 -3.46
CA LEU A 479 -3.71 14.55 -2.65
C LEU A 479 -3.42 14.64 -1.16
N ASP A 480 -2.48 15.50 -0.81
CA ASP A 480 -2.03 15.58 0.56
C ASP A 480 -2.99 16.43 1.43
N PHE A 481 -2.96 16.25 2.75
CA PHE A 481 -3.89 16.98 3.64
C PHE A 481 -3.85 18.52 3.53
N SER A 482 -2.68 19.04 3.14
CA SER A 482 -2.48 20.48 2.84
C SER A 482 -3.36 20.99 1.72
N PHE A 483 -4.09 20.09 1.07
CA PHE A 483 -5.00 20.49 0.00
C PHE A 483 -6.36 19.91 0.23
N PRO A 484 -7.06 20.44 1.23
CA PRO A 484 -8.37 19.95 1.59
C PRO A 484 -9.48 20.31 0.57
N ASP A 485 -9.32 21.38 -0.20
CA ASP A 485 -10.42 21.79 -1.06
C ASP A 485 -10.84 20.75 -2.10
N CYS A 486 -12.14 20.52 -2.25
CA CYS A 486 -12.64 19.39 -3.07
C CYS A 486 -12.58 19.67 -4.57
N TYR A 487 -12.47 20.94 -4.94
CA TYR A 487 -12.22 21.28 -6.32
C TYR A 487 -10.76 20.99 -6.67
N VAL A 488 -9.87 21.22 -5.72
CA VAL A 488 -8.46 20.80 -5.81
C VAL A 488 -8.38 19.29 -5.85
N GLY A 489 -9.18 18.62 -5.01
CA GLY A 489 -9.14 17.15 -4.92
C GLY A 489 -9.68 16.54 -6.19
N SER A 490 -10.74 17.14 -6.69
CA SER A 490 -11.32 16.69 -7.93
C SER A 490 -10.33 16.80 -9.09
N PHE A 491 -9.54 17.85 -9.11
CA PHE A 491 -8.53 18.08 -10.15
C PHE A 491 -7.41 17.04 -10.04
N ALA A 492 -6.99 16.79 -8.81
CA ALA A 492 -5.97 15.79 -8.52
C ALA A 492 -6.33 14.44 -9.13
N ILE A 493 -7.57 13.99 -8.90
CA ILE A 493 -8.09 12.74 -9.47
C ILE A 493 -8.03 12.81 -10.98
N LYS A 494 -8.51 13.92 -11.53
CA LYS A 494 -8.51 14.14 -12.97
C LYS A 494 -7.10 13.89 -13.49
N SER A 495 -6.12 14.59 -12.93
CA SER A 495 -4.74 14.43 -13.39
C SER A 495 -4.19 13.03 -13.10
N LEU A 496 -4.72 12.37 -12.08
CA LEU A 496 -4.33 10.98 -11.78
C LEU A 496 -4.95 9.93 -12.67
N ARG A 497 -6.07 10.25 -13.30
CA ARG A 497 -6.76 9.24 -14.08
C ARG A 497 -5.82 8.59 -15.10
N LYS A 498 -4.74 9.25 -15.45
CA LYS A 498 -3.85 8.72 -16.46
C LYS A 498 -2.88 7.65 -15.92
N LEU A 499 -2.64 7.61 -14.61
CA LEU A 499 -1.93 6.47 -14.02
C LEU A 499 -2.28 5.18 -14.78
N THR A 500 -1.24 4.40 -15.05
CA THR A 500 -1.36 3.06 -15.60
C THR A 500 -1.77 2.12 -14.46
N ASP A 501 -2.18 0.89 -14.79
CA ASP A 501 -2.57 -0.05 -13.76
C ASP A 501 -1.37 -0.44 -12.85
N ASP A 502 -0.21 -0.68 -13.44
CA ASP A 502 0.95 -1.04 -12.64
C ASP A 502 1.40 0.11 -11.75
N GLU A 503 1.35 1.33 -12.27
CA GLU A 503 1.59 2.50 -11.42
C GLU A 503 0.58 2.57 -10.29
N LEU A 504 -0.70 2.56 -10.68
CA LEU A 504 -1.75 2.58 -9.71
C LEU A 504 -1.52 1.46 -8.68
N PHE A 505 -1.16 0.24 -9.14
CA PHE A 505 -0.85 -0.82 -8.19
C PHE A 505 0.28 -0.41 -7.23
N GLN A 506 1.31 0.18 -7.81
CA GLN A 506 2.51 0.62 -7.08
C GLN A 506 2.12 1.56 -5.92
N TYR A 507 1.12 2.41 -6.12
CA TYR A 507 0.76 3.43 -5.15
C TYR A 507 -0.54 3.13 -4.42
N LEU A 508 -1.18 2.02 -4.74
CA LEU A 508 -2.45 1.66 -4.09
C LEU A 508 -2.42 1.78 -2.55
N LEU A 509 -1.36 1.33 -1.91
CA LEU A 509 -1.26 1.43 -0.46
C LEU A 509 -1.46 2.86 0.02
N GLN A 510 -0.84 3.84 -0.65
CA GLN A 510 -1.00 5.22 -0.18
C GLN A 510 -2.37 5.83 -0.49
N LEU A 511 -2.92 5.52 -1.66
CA LEU A 511 -4.24 6.04 -2.04
C LEU A 511 -5.38 5.54 -1.12
N VAL A 512 -5.26 4.32 -0.60
CA VAL A 512 -6.23 3.80 0.32
C VAL A 512 -6.13 4.63 1.59
N GLN A 513 -4.90 4.94 2.05
CA GLN A 513 -4.71 5.59 3.36
C GLN A 513 -5.28 6.98 3.38
N VAL A 514 -5.09 7.67 2.26
CA VAL A 514 -5.59 9.01 2.00
C VAL A 514 -7.12 9.08 2.04
N LEU A 515 -7.78 7.92 1.86
CA LEU A 515 -9.22 7.87 2.14
C LEU A 515 -9.48 8.40 3.54
N LYS A 516 -8.60 8.09 4.47
CA LYS A 516 -8.70 8.53 5.85
C LYS A 516 -8.69 10.04 6.05
N TYR A 517 -8.41 10.80 4.98
CA TYR A 517 -8.45 12.26 5.02
C TYR A 517 -9.82 12.77 4.57
N GLU A 518 -10.59 11.91 3.89
CA GLU A 518 -11.82 12.35 3.21
C GLU A 518 -12.81 12.91 4.21
N SER A 519 -13.60 13.91 3.81
CA SER A 519 -14.53 14.47 4.79
C SER A 519 -15.89 13.78 4.79
N TYR A 520 -16.30 13.28 3.62
CA TYR A 520 -17.60 12.62 3.44
C TYR A 520 -17.47 11.26 2.78
N LEU A 521 -18.57 10.54 2.59
CA LEU A 521 -18.47 9.18 2.07
C LEU A 521 -18.33 9.13 0.54
N ASP A 522 -19.22 9.80 -0.18
CA ASP A 522 -19.12 9.87 -1.63
C ASP A 522 -18.05 10.90 -1.96
N CYS A 523 -16.96 10.43 -2.57
CA CYS A 523 -15.85 11.28 -2.90
C CYS A 523 -15.18 10.75 -4.14
N GLU A 524 -14.56 11.67 -4.86
CA GLU A 524 -13.91 11.36 -6.12
C GLU A 524 -12.95 10.17 -6.02
N LEU A 525 -12.16 10.14 -4.94
CA LEU A 525 -11.14 9.11 -4.75
C LEU A 525 -11.76 7.69 -4.65
N THR A 526 -12.92 7.62 -4.00
CA THR A 526 -13.59 6.34 -3.79
C THR A 526 -14.08 5.80 -5.13
N LYS A 527 -14.79 6.64 -5.88
CA LYS A 527 -15.32 6.22 -7.18
C LYS A 527 -14.16 5.88 -8.12
N PHE A 528 -13.10 6.67 -8.07
CA PHE A 528 -11.90 6.34 -8.80
C PHE A 528 -11.36 4.94 -8.47
N LEU A 529 -10.90 4.73 -7.24
CA LEU A 529 -10.44 3.41 -6.78
C LEU A 529 -11.37 2.27 -7.16
N LEU A 530 -12.67 2.41 -6.91
CA LEU A 530 -13.69 1.39 -7.21
C LEU A 530 -13.85 1.11 -8.72
N GLY A 531 -13.94 2.18 -9.51
CA GLY A 531 -13.82 2.08 -10.95
C GLY A 531 -12.56 1.36 -11.44
N ARG A 532 -11.40 1.78 -10.96
CA ARG A 532 -10.17 1.10 -11.39
C ARG A 532 -10.10 -0.33 -10.84
N ALA A 533 -10.64 -0.51 -9.64
CA ALA A 533 -10.73 -1.83 -8.98
C ALA A 533 -11.66 -2.75 -9.74
N LEU A 534 -12.77 -2.20 -10.24
CA LEU A 534 -13.72 -3.02 -10.94
C LEU A 534 -13.29 -3.27 -12.37
N ALA A 535 -12.37 -2.47 -12.89
CA ALA A 535 -11.80 -2.71 -14.23
C ALA A 535 -10.50 -3.58 -14.24
N ASN A 536 -9.96 -3.89 -13.07
CA ASN A 536 -8.76 -4.72 -12.96
C ASN A 536 -8.85 -5.63 -11.72
N ARG A 537 -8.93 -6.94 -11.93
CA ARG A 537 -9.17 -7.81 -10.79
C ARG A 537 -8.01 -7.87 -9.78
N LYS A 538 -6.78 -7.72 -10.26
CA LYS A 538 -5.62 -7.57 -9.41
C LYS A 538 -5.78 -6.37 -8.46
N ILE A 539 -6.13 -5.19 -9.02
CA ILE A 539 -6.37 -3.99 -8.21
C ILE A 539 -7.52 -4.23 -7.26
N GLY A 540 -8.64 -4.74 -7.81
CA GLY A 540 -9.80 -5.21 -7.02
C GLY A 540 -9.31 -6.10 -5.87
N HIS A 541 -8.51 -7.10 -6.18
CA HIS A 541 -7.96 -7.95 -5.13
C HIS A 541 -7.32 -7.15 -4.00
N PHE A 542 -6.41 -6.21 -4.31
CA PHE A 542 -5.59 -5.57 -3.26
C PHE A 542 -6.33 -4.44 -2.53
N LEU A 543 -7.16 -3.69 -3.24
CA LEU A 543 -8.06 -2.76 -2.56
C LEU A 543 -8.82 -3.46 -1.44
N PHE A 544 -9.36 -4.62 -1.78
CA PHE A 544 -10.20 -5.35 -0.87
C PHE A 544 -9.39 -5.63 0.38
N TRP A 545 -8.22 -6.23 0.19
CA TRP A 545 -7.40 -6.59 1.33
C TRP A 545 -6.91 -5.38 2.14
N HIS A 546 -6.64 -4.29 1.42
CA HIS A 546 -6.23 -3.07 2.11
C HIS A 546 -7.35 -2.61 2.99
N LEU A 547 -8.56 -2.70 2.45
CA LEU A 547 -9.74 -2.31 3.19
C LEU A 547 -10.06 -3.32 4.28
N ARG A 548 -10.24 -4.58 3.91
CA ARG A 548 -10.55 -5.61 4.91
C ARG A 548 -9.63 -5.56 6.11
N SER A 549 -8.34 -5.25 5.87
CA SER A 549 -7.32 -5.46 6.91
C SER A 549 -7.44 -4.37 7.98
N GLU A 550 -8.26 -3.34 7.73
CA GLU A 550 -8.44 -2.29 8.75
C GLU A 550 -9.81 -2.29 9.42
N MET A 551 -10.54 -3.40 9.33
CA MET A 551 -11.93 -3.39 9.85
C MET A 551 -12.00 -3.32 11.38
N HIS A 552 -10.92 -3.66 12.04
CA HIS A 552 -10.86 -3.71 13.48
C HIS A 552 -10.54 -2.31 13.98
N VAL A 553 -10.48 -1.34 13.08
CA VAL A 553 -10.21 0.04 13.51
C VAL A 553 -11.49 0.90 13.52
N PRO A 554 -12.07 1.15 14.70
CA PRO A 554 -13.27 1.95 14.75
C PRO A 554 -13.32 3.18 13.85
N SER A 555 -12.22 3.89 13.72
CA SER A 555 -12.26 5.15 12.99
C SER A 555 -12.47 5.01 11.46
N VAL A 556 -12.21 3.81 10.92
CA VAL A 556 -12.45 3.53 9.50
C VAL A 556 -13.44 2.40 9.22
N ALA A 557 -13.86 1.67 10.25
CA ALA A 557 -14.85 0.61 10.05
C ALA A 557 -15.97 0.96 9.05
N LEU A 558 -16.71 2.05 9.23
CA LEU A 558 -17.83 2.30 8.31
C LEU A 558 -17.41 2.64 6.86
N ARG A 559 -16.58 3.66 6.68
CA ARG A 559 -16.07 3.93 5.34
C ARG A 559 -15.61 2.67 4.61
N PHE A 560 -14.63 1.96 5.16
CA PHE A 560 -14.10 0.73 4.48
C PHE A 560 -15.20 -0.35 4.25
N GLY A 561 -16.11 -0.50 5.20
CA GLY A 561 -17.20 -1.47 5.06
C GLY A 561 -18.06 -1.14 3.88
N LEU A 562 -18.46 0.12 3.78
CA LEU A 562 -19.32 0.59 2.68
C LEU A 562 -18.70 0.38 1.30
N ILE A 563 -17.39 0.59 1.23
CA ILE A 563 -16.65 0.40 0.00
C ILE A 563 -16.60 -1.07 -0.40
N MET A 564 -16.18 -1.94 0.53
CA MET A 564 -16.14 -3.37 0.22
C MET A 564 -17.50 -3.91 -0.28
N GLU A 565 -18.60 -3.46 0.33
CA GLU A 565 -19.92 -3.90 -0.11
C GLU A 565 -20.19 -3.47 -1.54
N ALA A 566 -19.97 -2.19 -1.81
CA ALA A 566 -20.12 -1.66 -3.15
C ALA A 566 -19.38 -2.53 -4.18
N TYR A 567 -18.08 -2.73 -3.96
CA TYR A 567 -17.26 -3.62 -4.79
C TYR A 567 -17.88 -4.98 -5.02
N CYS A 568 -18.34 -5.60 -3.93
CA CYS A 568 -18.99 -6.91 -4.01
C CYS A 568 -20.21 -6.94 -4.90
N ARG A 569 -20.95 -5.83 -4.96
CA ARG A 569 -22.15 -5.76 -5.79
C ARG A 569 -21.65 -5.72 -7.21
N GLY A 570 -20.45 -5.18 -7.35
CA GLY A 570 -19.76 -5.07 -8.63
C GLY A 570 -19.24 -6.41 -9.10
N SER A 571 -18.79 -7.28 -8.19
CA SER A 571 -18.24 -8.58 -8.61
C SER A 571 -18.62 -9.76 -7.74
N THR A 572 -19.87 -10.14 -7.82
CA THR A 572 -20.38 -11.33 -7.18
C THR A 572 -19.39 -12.48 -7.17
N HIS A 573 -18.91 -12.87 -8.36
CA HIS A 573 -18.02 -14.01 -8.49
C HIS A 573 -16.70 -13.83 -7.72
N HIS A 574 -16.07 -12.67 -7.87
CA HIS A 574 -14.84 -12.42 -7.13
C HIS A 574 -15.04 -12.48 -5.62
N MET A 575 -16.22 -12.03 -5.17
CA MET A 575 -16.60 -12.06 -3.77
C MET A 575 -16.50 -13.50 -3.24
N LYS A 576 -17.01 -14.46 -4.03
CA LYS A 576 -16.93 -15.87 -3.67
C LYS A 576 -15.47 -16.32 -3.55
N VAL A 577 -14.66 -15.90 -4.51
CA VAL A 577 -13.27 -16.30 -4.54
C VAL A 577 -12.60 -15.77 -3.27
N LEU A 578 -12.99 -14.56 -2.86
CA LEU A 578 -12.43 -13.94 -1.63
C LEU A 578 -12.89 -14.59 -0.31
N MET A 579 -14.15 -15.07 -0.26
CA MET A 579 -14.69 -15.87 0.84
C MET A 579 -13.85 -17.09 1.04
N LYS A 580 -13.56 -17.77 -0.05
CA LYS A 580 -12.67 -18.91 -0.06
C LYS A 580 -11.36 -18.54 0.68
N GLN A 581 -10.76 -17.39 0.33
CA GLN A 581 -9.59 -16.85 1.04
C GLN A 581 -9.78 -16.54 2.52
N GLY A 582 -10.83 -15.78 2.87
CA GLY A 582 -11.08 -15.43 4.27
C GLY A 582 -11.31 -16.68 5.10
N GLU A 583 -11.98 -17.66 4.50
CA GLU A 583 -12.21 -18.99 5.10
C GLU A 583 -10.90 -19.71 5.41
N ALA A 584 -9.88 -19.59 4.54
CA ALA A 584 -8.61 -20.21 4.84
C ALA A 584 -7.97 -19.49 6.03
N LEU A 585 -8.13 -18.17 6.06
CA LEU A 585 -7.43 -17.31 7.06
C LEU A 585 -8.06 -17.43 8.42
N SER A 586 -9.37 -17.69 8.42
CA SER A 586 -10.07 -18.00 9.65
C SER A 586 -9.58 -19.33 10.28
N LYS A 587 -9.40 -20.39 9.48
CA LYS A 587 -8.79 -21.66 9.95
C LYS A 587 -7.35 -21.51 10.47
N LEU A 588 -6.53 -20.80 9.69
CA LEU A 588 -5.19 -20.58 10.14
C LEU A 588 -5.14 -19.89 11.50
N LYS A 589 -6.06 -18.95 11.70
CA LYS A 589 -6.10 -18.25 12.94
C LYS A 589 -6.31 -19.26 14.08
N ALA A 590 -7.20 -20.24 13.86
CA ALA A 590 -7.48 -21.22 14.91
C ALA A 590 -6.34 -22.20 15.07
N LEU A 591 -5.70 -22.53 13.96
CA LEU A 591 -4.63 -23.50 14.00
C LEU A 591 -3.44 -22.83 14.66
N ASN A 592 -3.25 -21.54 14.36
CA ASN A 592 -2.18 -20.75 14.99
C ASN A 592 -2.36 -20.62 16.51
N ASP A 593 -3.59 -20.37 16.96
CA ASP A 593 -3.92 -20.37 18.39
C ASP A 593 -3.59 -21.68 19.09
N PHE A 594 -3.95 -22.79 18.47
CA PHE A 594 -3.69 -24.12 19.05
C PHE A 594 -2.18 -24.28 19.23
N VAL A 595 -1.44 -23.91 18.19
CA VAL A 595 0.02 -23.96 18.22
C VAL A 595 0.64 -23.11 19.32
N LYS A 596 0.14 -21.89 19.49
CA LYS A 596 0.59 -21.03 20.59
C LYS A 596 0.40 -21.68 21.97
N VAL A 597 -0.76 -22.29 22.18
CA VAL A 597 -1.09 -22.95 23.43
C VAL A 597 -0.22 -24.21 23.63
N SER A 598 -0.35 -25.11 22.67
CA SER A 598 0.44 -26.33 22.62
C SER A 598 1.93 -26.17 22.91
N SER A 599 2.56 -25.22 22.24
CA SER A 599 3.99 -25.04 22.37
C SER A 599 4.41 -24.63 23.77
N GLN A 600 3.52 -24.03 24.56
CA GLN A 600 3.84 -23.66 25.96
C GLN A 600 3.78 -24.85 26.93
N LYS A 601 3.22 -25.96 26.44
CA LYS A 601 2.99 -27.12 27.26
C LYS A 601 3.72 -28.38 26.81
N THR A 602 4.43 -28.36 25.69
CA THR A 602 5.04 -29.59 25.15
C THR A 602 6.13 -29.32 24.12
N THR A 603 6.87 -30.36 23.73
CA THR A 603 8.02 -30.23 22.84
C THR A 603 7.56 -29.97 21.42
N LYS A 604 8.39 -29.24 20.69
CA LYS A 604 8.11 -28.88 19.30
C LYS A 604 7.79 -30.07 18.37
N PRO A 605 8.48 -31.23 18.54
CA PRO A 605 8.07 -32.34 17.65
C PRO A 605 6.62 -32.74 17.91
N GLN A 606 6.21 -32.72 19.16
CA GLN A 606 4.87 -33.16 19.48
C GLN A 606 3.83 -32.19 18.97
N THR A 607 4.09 -30.89 19.06
CA THR A 607 3.15 -29.86 18.58
C THR A 607 3.02 -29.99 17.03
N LYS A 608 4.09 -30.34 16.39
CA LYS A 608 4.07 -30.41 14.96
C LYS A 608 3.17 -31.53 14.48
N GLU A 609 3.24 -32.65 15.14
CA GLU A 609 2.37 -33.75 14.88
C GLU A 609 0.91 -33.44 15.16
N MET A 610 0.67 -32.72 16.22
CA MET A 610 -0.65 -32.35 16.56
C MET A 610 -1.23 -31.25 15.66
N MET A 611 -0.38 -30.48 15.01
CA MET A 611 -0.81 -29.52 14.02
C MET A 611 -1.23 -30.25 12.79
N HIS A 612 -0.43 -31.22 12.39
CA HIS A 612 -0.71 -32.11 11.27
C HIS A 612 -2.05 -32.82 11.43
N MET A 613 -2.30 -33.40 12.60
CA MET A 613 -3.60 -34.07 12.81
C MET A 613 -4.75 -33.09 12.63
N CYS A 614 -4.55 -31.89 13.16
CA CYS A 614 -5.56 -30.89 13.11
C CYS A 614 -5.81 -30.48 11.64
N MET A 615 -4.71 -30.29 10.92
CA MET A 615 -4.80 -29.97 9.49
C MET A 615 -5.47 -31.08 8.67
N ARG A 616 -5.27 -32.33 9.05
CA ARG A 616 -5.85 -33.46 8.30
C ARG A 616 -7.34 -33.64 8.51
N GLN A 617 -7.92 -32.96 9.49
CA GLN A 617 -9.37 -32.95 9.56
C GLN A 617 -9.94 -32.40 8.25
N GLU A 618 -11.01 -33.03 7.82
CA GLU A 618 -11.74 -32.63 6.63
C GLU A 618 -11.98 -31.15 6.51
N THR A 619 -12.54 -30.57 7.56
CA THR A 619 -12.92 -29.18 7.51
C THR A 619 -11.69 -28.30 7.20
N TYR A 620 -10.51 -28.75 7.65
CA TYR A 620 -9.28 -28.02 7.38
C TYR A 620 -8.68 -28.25 5.98
N MET A 621 -8.56 -29.50 5.54
CA MET A 621 -7.99 -29.82 4.24
C MET A 621 -8.82 -29.15 3.16
N GLU A 622 -10.13 -29.08 3.40
CA GLU A 622 -11.00 -28.43 2.49
C GLU A 622 -10.86 -26.93 2.59
N ALA A 623 -10.84 -26.35 3.80
CA ALA A 623 -10.69 -24.87 3.92
C ALA A 623 -9.33 -24.34 3.41
N LEU A 624 -8.25 -25.01 3.74
CA LEU A 624 -6.92 -24.55 3.32
C LEU A 624 -6.48 -25.02 1.92
N SER A 625 -7.38 -25.62 1.13
CA SER A 625 -6.98 -26.08 -0.20
C SER A 625 -7.73 -25.39 -1.31
N HIS A 626 -7.17 -25.42 -2.52
CA HIS A 626 -7.80 -24.86 -3.72
C HIS A 626 -8.25 -23.42 -3.55
N LEU A 627 -7.28 -22.56 -3.27
CA LEU A 627 -7.51 -21.11 -3.20
C LEU A 627 -6.51 -20.28 -4.05
N GLN A 628 -6.79 -19.00 -4.20
CA GLN A 628 -5.85 -18.02 -4.74
C GLN A 628 -5.11 -17.37 -3.60
N SER A 629 -3.82 -17.15 -3.77
CA SER A 629 -3.04 -16.56 -2.73
C SER A 629 -3.44 -15.11 -2.47
N PRO A 630 -3.75 -14.75 -1.22
CA PRO A 630 -3.94 -13.33 -0.92
C PRO A 630 -2.67 -12.49 -1.20
N LEU A 631 -1.48 -13.09 -1.08
CA LEU A 631 -0.22 -12.39 -1.46
C LEU A 631 -0.14 -12.07 -2.98
N ASP A 632 -0.85 -12.87 -3.78
CA ASP A 632 -0.72 -12.78 -5.21
C ASP A 632 -1.87 -13.57 -5.83
N PRO A 633 -2.88 -12.88 -6.35
CA PRO A 633 -4.02 -13.63 -6.85
C PRO A 633 -3.61 -14.56 -8.01
N SER A 634 -2.44 -14.33 -8.60
CA SER A 634 -2.12 -15.20 -9.74
C SER A 634 -1.47 -16.55 -9.33
N THR A 635 -1.22 -16.70 -8.03
CA THR A 635 -0.59 -17.90 -7.51
C THR A 635 -1.72 -18.77 -7.01
N LEU A 636 -1.84 -19.96 -7.57
CA LEU A 636 -2.86 -20.88 -7.11
C LEU A 636 -2.33 -21.77 -5.95
N LEU A 637 -3.02 -21.79 -4.80
CA LEU A 637 -2.63 -22.68 -3.70
C LEU A 637 -3.56 -23.88 -3.72
N GLU A 638 -3.09 -25.00 -4.26
CA GLU A 638 -3.94 -26.20 -4.41
C GLU A 638 -3.96 -27.11 -3.18
N GLU A 639 -3.11 -28.16 -3.16
CA GLU A 639 -3.04 -29.05 -1.99
C GLU A 639 -2.00 -28.70 -0.98
N VAL A 640 -2.45 -28.42 0.23
CA VAL A 640 -1.54 -28.14 1.30
C VAL A 640 -0.79 -29.44 1.55
N CYS A 641 0.54 -29.41 1.65
CA CYS A 641 1.30 -30.58 2.08
C CYS A 641 1.46 -30.49 3.55
N VAL A 642 0.58 -31.18 4.22
CA VAL A 642 0.60 -31.28 5.65
C VAL A 642 1.98 -31.62 6.18
N GLU A 643 2.69 -32.55 5.55
CA GLU A 643 3.90 -33.05 6.18
C GLU A 643 4.94 -31.97 6.26
N GLN A 644 4.95 -31.09 5.25
CA GLN A 644 5.90 -29.96 5.20
C GLN A 644 5.46 -28.74 6.01
N CYS A 645 4.22 -28.71 6.48
CA CYS A 645 3.79 -27.56 7.24
C CYS A 645 4.43 -27.64 8.59
N THR A 646 4.71 -26.46 9.15
CA THR A 646 5.33 -26.43 10.46
C THR A 646 5.05 -25.07 11.05
N PHE A 647 5.76 -24.71 12.11
CA PHE A 647 5.69 -23.39 12.70
C PHE A 647 7.12 -22.98 13.12
N MET A 648 7.34 -21.67 13.19
CA MET A 648 8.62 -21.12 13.64
C MET A 648 8.54 -20.79 15.11
N ASP A 649 9.68 -20.90 15.77
CA ASP A 649 9.77 -20.87 17.21
C ASP A 649 9.93 -19.51 17.80
N SER A 650 9.38 -18.50 17.17
CA SER A 650 9.66 -17.17 17.59
C SER A 650 8.45 -16.40 18.02
N LYS A 651 8.19 -16.42 19.30
CA LYS A 651 7.22 -15.54 19.88
C LYS A 651 5.81 -15.83 19.47
N MET A 652 5.41 -15.25 18.36
CA MET A 652 4.04 -15.30 17.84
C MET A 652 3.79 -16.60 17.17
N LYS A 653 4.83 -17.43 17.10
CA LYS A 653 4.72 -18.76 16.53
C LYS A 653 4.10 -18.71 15.14
N PRO A 654 4.76 -18.07 14.17
CA PRO A 654 4.19 -17.98 12.85
C PRO A 654 4.05 -19.35 12.21
N LEU A 655 2.95 -19.54 11.49
CA LEU A 655 2.68 -20.78 10.78
C LEU A 655 3.32 -20.81 9.38
N TRP A 656 3.86 -21.96 9.05
CA TRP A 656 4.55 -22.19 7.78
C TRP A 656 3.74 -23.20 6.99
N ILE A 657 3.16 -22.76 5.88
CA ILE A 657 2.25 -23.62 5.15
C ILE A 657 2.76 -23.87 3.76
N MET A 658 3.07 -25.13 3.48
CA MET A 658 3.52 -25.50 2.14
C MET A 658 2.38 -26.00 1.30
N TYR A 659 2.54 -25.87 0.01
CA TYR A 659 1.46 -26.19 -0.90
C TYR A 659 2.07 -26.86 -2.08
N SER A 660 1.29 -27.65 -2.81
CA SER A 660 1.77 -28.13 -4.12
C SER A 660 0.65 -28.29 -5.13
N SER A 661 1.06 -28.49 -6.37
CA SER A 661 0.21 -28.53 -7.53
C SER A 661 0.82 -29.49 -8.51
N GLU A 662 0.03 -30.43 -8.98
CA GLU A 662 0.47 -31.37 -9.99
C GLU A 662 0.52 -30.59 -11.27
N GLU A 663 -0.41 -29.67 -11.42
CA GLU A 663 -0.60 -28.87 -12.60
C GLU A 663 0.39 -27.75 -12.83
N ALA A 664 0.87 -27.10 -11.76
CA ALA A 664 1.91 -26.07 -11.91
C ALA A 664 3.34 -26.62 -11.88
N GLY A 665 3.50 -27.87 -11.42
CA GLY A 665 4.82 -28.48 -11.22
C GLY A 665 5.55 -27.83 -10.05
N SER A 666 6.86 -27.65 -10.22
CA SER A 666 7.72 -27.06 -9.20
C SER A 666 7.43 -25.64 -8.80
N ALA A 667 6.86 -24.87 -9.72
CA ALA A 667 6.49 -23.48 -9.43
C ALA A 667 5.08 -23.46 -8.86
N GLY A 668 4.46 -24.64 -8.76
CA GLY A 668 3.25 -24.84 -7.97
C GLY A 668 3.61 -25.10 -6.52
N ASN A 669 4.92 -25.28 -6.25
CA ASN A 669 5.42 -25.57 -4.93
C ASN A 669 5.77 -24.29 -4.22
N VAL A 670 4.82 -23.76 -3.49
CA VAL A 670 4.97 -22.45 -2.91
C VAL A 670 4.54 -22.53 -1.47
N GLY A 671 4.94 -21.53 -0.70
CA GLY A 671 4.63 -21.55 0.70
C GLY A 671 4.15 -20.21 1.13
N ILE A 672 3.35 -20.18 2.19
CA ILE A 672 3.01 -18.89 2.79
C ILE A 672 3.26 -18.99 4.26
N ILE A 673 3.45 -17.85 4.90
CA ILE A 673 3.65 -17.82 6.33
C ILE A 673 2.49 -17.05 6.92
N PHE A 674 1.86 -17.59 7.94
CA PHE A 674 0.75 -16.91 8.62
C PHE A 674 1.25 -16.35 9.94
N LYS A 675 1.08 -15.06 10.11
CA LYS A 675 1.52 -14.42 11.31
C LYS A 675 0.36 -13.71 11.99
N ASN A 676 0.17 -14.04 13.24
CA ASN A 676 -0.88 -13.41 14.03
C ASN A 676 -0.27 -13.08 15.35
N GLY A 677 -0.45 -11.83 15.78
CA GLY A 677 0.25 -11.35 16.95
C GLY A 677 0.98 -10.03 16.71
N ASP A 678 1.35 -9.76 15.47
CA ASP A 678 2.15 -8.57 15.18
C ASP A 678 1.53 -7.67 14.16
N ASP A 679 2.03 -6.45 14.11
CA ASP A 679 1.56 -5.47 13.16
C ASP A 679 2.43 -5.56 11.91
N LEU A 680 1.81 -5.79 10.74
CA LEU A 680 2.52 -6.03 9.46
C LEU A 680 2.63 -4.82 8.50
N ARG A 681 1.85 -3.78 8.83
CA ARG A 681 1.84 -2.49 8.11
C ARG A 681 3.22 -1.94 7.80
N GLN A 682 4.03 -1.81 8.86
CA GLN A 682 5.41 -1.33 8.82
C GLN A 682 6.28 -2.12 7.80
N ASP A 683 6.30 -3.43 7.93
CA ASP A 683 6.97 -4.27 6.97
C ASP A 683 6.43 -4.10 5.58
N MET A 684 5.11 -4.05 5.45
CA MET A 684 4.51 -3.93 4.13
C MET A 684 4.97 -2.66 3.47
N LEU A 685 5.03 -1.56 4.22
CA LEU A 685 5.38 -0.30 3.64
C LEU A 685 6.85 -0.33 3.20
N THR A 686 7.71 -0.80 4.11
CA THR A 686 9.10 -0.98 3.84
C THR A 686 9.35 -1.82 2.59
N LEU A 687 8.70 -2.98 2.52
CA LEU A 687 8.79 -3.85 1.33
C LEU A 687 8.25 -3.19 0.04
N GLN A 688 7.23 -2.36 0.14
CA GLN A 688 6.77 -1.66 -1.08
C GLN A 688 7.78 -0.58 -1.50
N MET A 689 8.42 0.07 -0.53
CA MET A 689 9.38 1.12 -0.86
C MET A 689 10.64 0.53 -1.47
N ILE A 690 10.95 -0.73 -1.15
CA ILE A 690 12.09 -1.44 -1.73
C ILE A 690 11.75 -1.81 -3.17
N GLN A 691 10.58 -2.43 -3.38
CA GLN A 691 10.11 -2.86 -4.73
C GLN A 691 10.09 -1.69 -5.71
N LEU A 692 9.63 -0.52 -5.23
CA LEU A 692 9.68 0.76 -5.97
C LEU A 692 11.11 1.17 -6.30
N MET A 693 12.03 0.94 -5.36
CA MET A 693 13.44 1.26 -5.57
C MET A 693 13.95 0.41 -6.72
N ASP A 694 13.66 -0.89 -6.65
CA ASP A 694 14.03 -1.90 -7.66
C ASP A 694 13.48 -1.45 -9.01
N VAL A 695 12.23 -0.99 -9.00
CA VAL A 695 11.59 -0.53 -10.23
C VAL A 695 12.31 0.68 -10.84
N LEU A 696 12.59 1.70 -10.02
CA LEU A 696 13.30 2.89 -10.49
C LEU A 696 14.70 2.49 -10.94
N TRP A 697 15.38 1.64 -10.16
CA TRP A 697 16.69 1.15 -10.60
C TRP A 697 16.59 0.45 -11.95
N LYS A 698 15.58 -0.39 -12.09
CA LYS A 698 15.50 -1.10 -13.32
C LYS A 698 15.18 -0.17 -14.49
N GLN A 699 14.38 0.85 -14.25
CA GLN A 699 14.10 1.77 -15.32
C GLN A 699 15.36 2.44 -15.87
N GLU A 700 16.45 2.48 -15.10
CA GLU A 700 17.69 3.10 -15.59
C GLU A 700 18.71 2.05 -15.94
N GLY A 701 18.19 0.88 -16.30
CA GLY A 701 18.97 -0.33 -16.59
C GLY A 701 19.81 -0.98 -15.48
N LEU A 702 19.54 -0.67 -14.20
CA LEU A 702 20.29 -1.25 -13.08
C LEU A 702 19.42 -2.29 -12.38
N ASP A 703 19.76 -3.57 -12.56
CA ASP A 703 19.13 -4.68 -11.84
C ASP A 703 19.97 -5.21 -10.62
N LEU A 704 19.63 -4.78 -9.40
CA LEU A 704 20.40 -5.20 -8.22
C LEU A 704 19.88 -6.54 -7.66
N ARG A 705 19.09 -7.25 -8.46
CA ARG A 705 18.76 -8.66 -8.13
C ARG A 705 18.05 -8.73 -6.78
N MET A 706 17.05 -7.86 -6.64
CA MET A 706 16.27 -7.72 -5.42
C MET A 706 15.38 -8.93 -5.15
N THR A 707 14.83 -9.03 -3.93
CA THR A 707 13.90 -10.10 -3.67
C THR A 707 12.62 -9.53 -3.07
N PRO A 708 11.80 -8.90 -3.91
CA PRO A 708 10.58 -8.29 -3.43
C PRO A 708 9.49 -9.32 -3.08
N TYR A 709 9.55 -10.01 -1.96
CA TYR A 709 8.57 -11.05 -1.68
C TYR A 709 7.23 -10.47 -1.10
N GLY A 710 6.15 -11.25 -1.12
CA GLY A 710 4.86 -10.77 -0.56
C GLY A 710 4.73 -10.60 0.96
N CYS A 711 4.06 -9.50 1.32
CA CYS A 711 3.72 -9.21 2.68
C CYS A 711 2.38 -8.51 2.65
N LEU A 712 1.37 -9.11 3.24
CA LEU A 712 0.03 -8.59 3.16
C LEU A 712 -0.70 -8.67 4.50
N PRO A 713 -1.02 -7.51 5.06
CA PRO A 713 -1.85 -7.47 6.25
C PRO A 713 -3.26 -7.89 5.81
N THR A 714 -3.93 -8.74 6.60
CA THR A 714 -5.22 -9.26 6.26
C THR A 714 -6.23 -8.92 7.32
N GLY A 715 -5.75 -8.52 8.49
CA GLY A 715 -6.68 -8.26 9.61
C GLY A 715 -5.98 -7.74 10.83
N ASP A 716 -6.64 -7.84 11.98
CA ASP A 716 -6.11 -7.31 13.20
C ASP A 716 -4.79 -8.01 13.54
N ARG A 717 -3.68 -7.34 13.35
CA ARG A 717 -2.37 -7.92 13.73
C ARG A 717 -2.19 -9.28 13.05
N THR A 718 -2.67 -9.38 11.82
CA THR A 718 -2.66 -10.62 11.08
C THR A 718 -2.33 -10.37 9.64
N GLY A 719 -1.57 -11.27 9.05
CA GLY A 719 -1.43 -11.26 7.61
C GLY A 719 -0.44 -12.33 7.19
N LEU A 720 0.03 -12.20 5.94
CA LEU A 720 0.84 -13.27 5.36
C LEU A 720 2.09 -12.72 4.83
N ILE A 721 3.13 -13.57 4.90
CA ILE A 721 4.43 -13.28 4.30
C ILE A 721 4.68 -14.42 3.32
N GLU A 722 5.25 -14.13 2.17
CA GLU A 722 5.54 -15.19 1.23
C GLU A 722 6.83 -15.95 1.54
N VAL A 723 6.80 -17.25 1.32
CA VAL A 723 7.96 -18.03 1.58
C VAL A 723 8.87 -17.93 0.38
N VAL A 724 10.15 -17.66 0.64
CA VAL A 724 11.16 -17.72 -0.41
C VAL A 724 11.87 -19.04 -0.21
N LEU A 725 11.64 -19.94 -1.13
CA LEU A 725 12.21 -21.28 -1.01
C LEU A 725 13.73 -21.26 -1.21
N HIS A 726 14.41 -22.27 -0.73
CA HIS A 726 15.84 -22.36 -0.93
C HIS A 726 16.60 -21.15 -0.35
N SER A 727 16.11 -20.63 0.77
CA SER A 727 16.89 -19.66 1.51
C SER A 727 17.25 -20.17 2.86
N ASP A 728 18.24 -19.51 3.45
CA ASP A 728 18.49 -19.64 4.87
C ASP A 728 18.99 -18.32 5.39
N THR A 729 19.14 -18.22 6.71
CA THR A 729 19.59 -16.96 7.33
C THR A 729 21.08 -17.05 7.47
N ILE A 730 21.76 -15.93 7.26
CA ILE A 730 23.17 -15.79 7.63
C ILE A 730 23.48 -16.51 8.92
N ALA A 731 22.72 -16.21 9.97
CA ALA A 731 23.00 -16.79 11.27
C ALA A 731 22.93 -18.31 11.22
N ASN A 732 21.91 -18.86 10.57
CA ASN A 732 21.87 -20.30 10.35
C ASN A 732 23.14 -20.78 9.72
N ILE A 733 23.45 -20.20 8.57
CA ILE A 733 24.61 -20.60 7.82
C ILE A 733 25.83 -20.52 8.71
N GLN A 734 25.92 -19.47 9.51
CA GLN A 734 27.10 -19.26 10.33
C GLN A 734 27.20 -20.16 11.58
N LEU A 735 26.28 -21.10 11.75
CA LEU A 735 26.34 -22.08 12.85
C LEU A 735 27.55 -23.02 12.78
N ASN A 736 28.16 -23.08 11.59
CA ASN A 736 29.36 -23.90 11.27
C ASN A 736 29.25 -25.38 11.74
N LYS A 737 28.11 -26.00 11.40
CA LYS A 737 27.83 -27.38 11.77
C LYS A 737 28.68 -28.36 10.96
N SER A 738 29.07 -29.47 11.60
CA SER A 738 29.87 -30.52 10.92
C SER A 738 29.00 -31.46 10.07
N ASN A 739 29.63 -32.54 9.59
CA ASN A 739 28.96 -33.61 8.86
C ASN A 739 28.10 -33.06 7.72
N MET A 740 28.59 -32.01 7.09
CA MET A 740 27.88 -31.37 6.00
C MET A 740 28.88 -30.60 5.15
N ALA A 741 28.34 -29.97 4.12
CA ALA A 741 29.13 -29.42 3.02
C ALA A 741 30.11 -28.32 3.42
N ALA A 742 29.61 -27.32 4.12
CA ALA A 742 30.31 -26.05 4.25
C ALA A 742 31.44 -25.94 5.33
N THR A 743 32.03 -27.08 5.74
CA THR A 743 32.88 -27.14 6.95
C THR A 743 34.12 -26.24 6.90
N ALA A 744 34.11 -25.19 7.72
CA ALA A 744 35.07 -24.07 7.61
C ALA A 744 36.15 -24.03 8.68
N ALA A 745 37.33 -23.59 8.29
CA ALA A 745 38.48 -23.46 9.19
C ALA A 745 38.35 -22.19 10.00
N PHE A 746 37.72 -21.20 9.39
CA PHE A 746 37.51 -19.90 9.99
C PHE A 746 36.09 -19.46 9.72
N ASN A 747 35.42 -18.91 10.75
CA ASN A 747 34.01 -18.50 10.62
C ASN A 747 33.72 -17.63 9.40
N LYS A 748 34.61 -16.69 9.10
CA LYS A 748 34.52 -15.87 7.89
C LYS A 748 34.38 -16.67 6.57
N ASP A 749 34.73 -17.95 6.58
CA ASP A 749 34.63 -18.75 5.37
C ASP A 749 33.27 -19.46 5.17
N ALA A 750 32.50 -19.57 6.25
CA ALA A 750 31.29 -20.35 6.24
C ALA A 750 30.27 -19.93 5.14
N LEU A 751 30.05 -18.62 5.03
CA LEU A 751 29.15 -18.07 4.00
C LEU A 751 29.56 -18.45 2.60
N LEU A 752 30.85 -18.39 2.34
CA LEU A 752 31.38 -18.63 1.01
C LEU A 752 31.31 -20.11 0.66
N ASN A 753 31.68 -20.97 1.63
CA ASN A 753 31.60 -22.41 1.46
C ASN A 753 30.17 -22.84 1.20
N TRP A 754 29.25 -22.16 1.84
CA TRP A 754 27.86 -22.44 1.64
C TRP A 754 27.54 -22.12 0.19
N LEU A 755 27.81 -20.89 -0.24
CA LEU A 755 27.56 -20.55 -1.62
C LEU A 755 28.23 -21.54 -2.56
N LYS A 756 29.48 -21.89 -2.24
CA LYS A 756 30.24 -22.93 -2.96
C LYS A 756 29.49 -24.25 -3.05
N SER A 757 29.03 -24.75 -1.92
CA SER A 757 28.28 -25.99 -1.89
C SER A 757 27.04 -25.90 -2.76
N LYS A 758 26.47 -24.71 -2.90
CA LYS A 758 25.23 -24.56 -3.65
C LYS A 758 25.47 -24.25 -5.12
N ASN A 759 26.72 -23.90 -5.46
CA ASN A 759 27.06 -23.33 -6.75
C ASN A 759 28.45 -23.80 -7.20
N PRO A 760 28.52 -25.05 -7.69
CA PRO A 760 29.78 -25.67 -8.07
C PRO A 760 30.31 -25.24 -9.44
N GLY A 761 31.63 -25.38 -9.60
CA GLY A 761 32.30 -25.06 -10.84
C GLY A 761 31.92 -23.67 -11.22
N GLU A 762 31.77 -23.44 -12.53
CA GLU A 762 31.49 -22.11 -13.06
C GLU A 762 30.35 -21.35 -12.37
N ALA A 763 29.36 -22.07 -11.84
CA ALA A 763 28.18 -21.41 -11.21
C ALA A 763 28.54 -20.50 -10.04
N LEU A 764 29.72 -20.72 -9.44
CA LEU A 764 30.18 -19.91 -8.31
C LEU A 764 30.38 -18.44 -8.66
N ASP A 765 30.87 -18.14 -9.84
CA ASP A 765 31.05 -16.72 -10.18
C ASP A 765 29.78 -15.90 -10.14
N ARG A 766 28.70 -16.48 -10.68
CA ARG A 766 27.41 -15.79 -10.77
C ARG A 766 26.79 -15.63 -9.40
N ALA A 767 26.90 -16.65 -8.55
CA ALA A 767 26.36 -16.53 -7.18
C ALA A 767 26.93 -15.26 -6.50
N ILE A 768 28.24 -15.04 -6.67
CA ILE A 768 28.94 -13.94 -6.05
C ILE A 768 28.52 -12.60 -6.62
N GLU A 769 28.31 -12.56 -7.92
CA GLU A 769 27.77 -11.37 -8.54
C GLU A 769 26.36 -11.12 -7.98
N GLU A 770 25.52 -12.17 -7.96
CA GLU A 770 24.12 -12.04 -7.56
C GLU A 770 24.12 -11.50 -6.13
N PHE A 771 25.06 -12.00 -5.31
CA PHE A 771 25.26 -11.54 -3.93
C PHE A 771 25.74 -10.10 -3.77
N THR A 772 26.61 -9.67 -4.66
CA THR A 772 27.13 -8.28 -4.69
C THR A 772 26.08 -7.31 -5.14
N LEU A 773 25.40 -7.61 -6.24
CA LEU A 773 24.28 -6.74 -6.69
C LEU A 773 23.23 -6.51 -5.58
N SER A 774 22.73 -7.61 -5.00
CA SER A 774 21.61 -7.51 -4.06
C SER A 774 22.08 -6.88 -2.76
N CYS A 775 23.30 -7.22 -2.36
CA CYS A 775 23.93 -6.52 -1.26
C CYS A 775 23.93 -4.99 -1.47
N ALA A 776 24.38 -4.53 -2.60
CA ALA A 776 24.45 -3.07 -2.80
C ALA A 776 23.06 -2.40 -2.72
N GLY A 777 22.05 -3.10 -3.23
CA GLY A 777 20.69 -2.61 -3.18
C GLY A 777 20.13 -2.55 -1.77
N TYR A 778 20.37 -3.62 -0.98
CA TYR A 778 19.89 -3.70 0.38
C TYR A 778 20.63 -2.74 1.26
N CYS A 779 21.94 -2.57 1.01
CA CYS A 779 22.72 -1.61 1.80
C CYS A 779 22.22 -0.20 1.55
N VAL A 780 21.89 0.08 0.29
CA VAL A 780 21.37 1.40 -0.08
C VAL A 780 19.95 1.59 0.45
N ALA A 781 19.12 0.55 0.31
CA ALA A 781 17.73 0.65 0.71
C ALA A 781 17.64 0.82 2.23
N THR A 782 18.45 0.06 2.97
CA THR A 782 18.36 0.11 4.44
C THR A 782 18.86 1.48 4.90
N TYR A 783 19.87 1.99 4.19
CA TYR A 783 20.43 3.29 4.49
C TYR A 783 19.47 4.47 4.24
N VAL A 784 18.98 4.58 3.01
CA VAL A 784 17.98 5.59 2.70
C VAL A 784 16.75 5.56 3.67
N LEU A 785 16.22 4.37 3.94
CA LEU A 785 15.00 4.24 4.74
C LEU A 785 15.20 4.33 6.28
N GLY A 786 16.43 4.52 6.74
CA GLY A 786 16.70 4.57 8.19
C GLY A 786 16.42 3.30 8.97
N ILE A 787 16.69 2.15 8.36
CA ILE A 787 16.43 0.82 8.91
C ILE A 787 17.68 0.32 9.63
N GLY A 788 17.56 0.14 10.95
CA GLY A 788 18.65 -0.38 11.78
C GLY A 788 18.35 -1.73 12.37
N ASP A 789 19.21 -2.16 13.29
CA ASP A 789 19.05 -3.45 13.97
C ASP A 789 19.00 -4.55 12.90
N ARG A 790 19.85 -4.38 11.90
CA ARG A 790 20.15 -5.45 10.99
C ARG A 790 21.18 -6.28 11.70
N HIS A 791 21.00 -7.60 11.64
CA HIS A 791 21.96 -8.60 12.16
C HIS A 791 21.69 -9.94 11.46
N SER A 792 22.50 -10.95 11.79
CA SER A 792 22.56 -12.19 10.99
C SER A 792 21.28 -13.03 11.03
N ASP A 793 20.38 -12.69 11.92
CA ASP A 793 19.12 -13.42 12.02
C ASP A 793 18.05 -12.86 11.08
N ASN A 794 18.22 -11.61 10.65
CA ASN A 794 17.20 -10.93 9.81
C ASN A 794 17.66 -10.68 8.38
N ILE A 795 18.81 -11.24 8.06
CA ILE A 795 19.30 -11.23 6.70
C ILE A 795 19.34 -12.66 6.17
N MET A 796 18.89 -12.81 4.94
CA MET A 796 18.84 -14.10 4.33
C MET A 796 19.56 -14.16 3.03
N ILE A 797 19.91 -15.38 2.65
CA ILE A 797 20.53 -15.64 1.35
C ILE A 797 19.82 -16.78 0.69
N ARG A 798 19.62 -16.61 -0.60
CA ARG A 798 19.09 -17.62 -1.45
C ARG A 798 20.26 -18.40 -2.05
N GLU A 799 19.95 -19.58 -2.56
CA GLU A 799 20.97 -20.46 -3.10
C GLU A 799 21.59 -19.89 -4.36
N SER A 800 20.89 -18.95 -4.97
CA SER A 800 21.41 -18.21 -6.11
C SER A 800 22.48 -17.22 -5.69
N GLY A 801 22.70 -17.07 -4.39
CA GLY A 801 23.61 -16.05 -3.87
C GLY A 801 22.92 -14.73 -3.49
N GLN A 802 21.65 -14.60 -3.86
CA GLN A 802 20.89 -13.40 -3.56
C GLN A 802 20.67 -13.19 -2.10
N LEU A 803 21.07 -12.00 -1.63
CA LEU A 803 20.87 -11.55 -0.27
C LEU A 803 19.56 -10.73 -0.22
N PHE A 804 18.87 -10.72 0.92
CA PHE A 804 17.68 -9.88 1.17
C PHE A 804 17.37 -9.86 2.68
N HIS A 805 16.33 -9.11 3.05
CA HIS A 805 16.05 -8.79 4.43
C HIS A 805 14.64 -9.18 4.87
N ILE A 806 14.56 -9.62 6.10
CA ILE A 806 13.31 -9.91 6.72
C ILE A 806 13.16 -9.13 7.98
N ASP A 807 11.96 -9.11 8.49
CA ASP A 807 11.61 -8.56 9.78
C ASP A 807 12.06 -7.15 10.06
N PHE A 808 11.50 -6.20 9.32
CA PHE A 808 11.72 -4.82 9.58
C PHE A 808 10.56 -4.30 10.36
N GLY A 809 10.81 -3.71 11.50
CA GLY A 809 9.76 -2.95 12.19
C GLY A 809 10.32 -1.63 12.70
N HIS A 810 11.55 -1.29 12.31
CA HIS A 810 12.19 -0.07 12.75
C HIS A 810 12.76 0.66 11.54
N PHE A 811 12.35 1.93 11.34
CA PHE A 811 12.80 2.73 10.17
C PHE A 811 12.78 4.25 10.37
N LEU A 812 13.16 5.00 9.33
CA LEU A 812 13.41 6.41 9.47
C LEU A 812 14.09 6.68 10.81
N GLY A 813 14.97 5.76 11.20
CA GLY A 813 15.84 5.95 12.36
C GLY A 813 15.23 5.64 13.70
N ASN A 814 13.91 5.45 13.74
CA ASN A 814 13.20 5.28 15.01
C ASN A 814 13.60 4.04 15.84
N PHE A 815 14.73 4.22 16.57
CA PHE A 815 15.35 3.23 17.47
C PHE A 815 14.63 3.07 18.83
N ARG A 825 19.66 8.80 13.27
CA ARG A 825 20.59 8.89 12.13
C ARG A 825 21.36 7.57 12.07
N VAL A 826 20.81 6.58 11.36
CA VAL A 826 21.45 5.25 11.23
C VAL A 826 22.66 5.29 10.28
N PRO A 827 23.83 4.85 10.79
CA PRO A 827 24.98 4.83 9.87
C PRO A 827 24.73 3.84 8.70
N PHE A 828 25.37 4.08 7.55
CA PHE A 828 25.44 3.12 6.44
C PHE A 828 26.26 1.93 6.95
N ILE A 829 25.91 0.72 6.53
CA ILE A 829 26.49 -0.45 7.14
C ILE A 829 27.26 -1.33 6.16
N LEU A 830 28.52 -1.65 6.48
CA LEU A 830 29.28 -2.63 5.71
C LEU A 830 29.74 -3.78 6.58
N THR A 831 29.08 -4.92 6.44
CA THR A 831 29.41 -6.08 7.23
C THR A 831 30.60 -6.76 6.64
N TYR A 832 31.60 -6.99 7.47
CA TYR A 832 32.79 -7.63 7.06
C TYR A 832 32.59 -8.96 6.30
N ASP A 833 31.59 -9.73 6.71
CA ASP A 833 31.42 -11.04 6.07
C ASP A 833 30.76 -11.00 4.71
N PHE A 834 30.03 -9.93 4.42
CA PHE A 834 29.55 -9.68 3.07
C PHE A 834 30.72 -9.24 2.19
N VAL A 835 31.36 -8.17 2.64
CA VAL A 835 32.63 -7.73 2.13
C VAL A 835 33.51 -8.93 1.74
N HIS A 836 33.69 -9.86 2.68
CA HIS A 836 34.50 -11.04 2.42
C HIS A 836 34.03 -11.86 1.21
N VAL A 837 32.71 -12.02 1.08
CA VAL A 837 32.12 -12.66 -0.10
C VAL A 837 32.30 -11.83 -1.41
N ILE A 838 32.08 -10.51 -1.35
CA ILE A 838 32.25 -9.67 -2.54
C ILE A 838 33.68 -9.78 -3.08
N GLN A 839 34.63 -9.84 -2.14
CA GLN A 839 36.04 -9.91 -2.46
C GLN A 839 36.48 -11.32 -2.77
N GLN A 840 35.53 -12.17 -3.12
CA GLN A 840 35.74 -13.59 -3.52
C GLN A 840 36.64 -14.40 -2.58
N GLY A 841 36.72 -13.98 -1.33
CA GLY A 841 37.40 -14.78 -0.31
C GLY A 841 38.78 -14.25 -0.01
N LYS A 842 39.18 -13.21 -0.74
CA LYS A 842 40.52 -12.66 -0.65
C LYS A 842 40.55 -11.52 0.33
N THR A 843 41.67 -11.36 1.03
CA THR A 843 41.87 -10.26 1.96
C THR A 843 41.86 -8.89 1.26
N ASN A 844 42.43 -8.81 0.07
CA ASN A 844 42.25 -7.59 -0.71
C ASN A 844 41.76 -7.90 -2.09
N ASN A 845 40.83 -7.06 -2.54
CA ASN A 845 40.30 -7.21 -3.86
C ASN A 845 39.52 -5.94 -4.21
N SER A 846 40.26 -4.84 -4.39
CA SER A 846 39.62 -3.58 -4.72
C SER A 846 38.99 -3.56 -6.09
N GLU A 847 39.44 -4.40 -7.00
CA GLU A 847 38.72 -4.51 -8.26
C GLU A 847 37.24 -4.93 -7.98
N LYS A 848 37.04 -5.92 -7.12
CA LYS A 848 35.69 -6.36 -6.82
C LYS A 848 35.03 -5.47 -5.81
N PHE A 849 35.80 -5.00 -4.84
CA PHE A 849 35.24 -4.16 -3.80
C PHE A 849 34.71 -2.83 -4.33
N GLU A 850 35.45 -2.19 -5.25
CA GLU A 850 35.07 -0.89 -5.84
C GLU A 850 34.00 -1.00 -6.96
N ARG A 851 33.90 -2.12 -7.66
CA ARG A 851 32.72 -2.33 -8.49
C ARG A 851 31.52 -2.17 -7.55
N PHE A 852 31.59 -2.91 -6.44
CA PHE A 852 30.56 -2.92 -5.44
C PHE A 852 30.16 -1.52 -5.01
N ARG A 853 31.17 -0.68 -4.70
CA ARG A 853 30.93 0.76 -4.43
C ARG A 853 30.15 1.48 -5.54
N GLY A 854 30.49 1.23 -6.80
CA GLY A 854 29.81 1.89 -7.91
C GLY A 854 28.33 1.54 -7.94
N TYR A 855 28.01 0.26 -7.77
CA TYR A 855 26.65 -0.21 -7.55
C TYR A 855 25.93 0.68 -6.51
N CYS A 856 26.49 0.77 -5.30
CA CYS A 856 25.87 1.61 -4.28
C CYS A 856 25.66 3.05 -4.69
N GLU A 857 26.60 3.59 -5.45
CA GLU A 857 26.59 5.00 -5.80
C GLU A 857 25.58 5.31 -6.89
N ARG A 858 25.60 4.55 -8.00
CA ARG A 858 24.49 4.51 -8.97
C ARG A 858 23.11 4.41 -8.28
N ALA A 859 22.96 3.37 -7.44
CA ALA A 859 21.64 3.09 -6.82
C ALA A 859 21.24 4.29 -6.01
N TYR A 860 22.18 4.76 -5.19
CA TYR A 860 21.99 5.95 -4.38
C TYR A 860 21.56 7.16 -5.21
N THR A 861 22.19 7.39 -6.36
CA THR A 861 21.91 8.63 -7.08
C THR A 861 20.71 8.51 -7.99
N ILE A 862 20.32 7.29 -8.32
CA ILE A 862 19.13 7.14 -9.13
C ILE A 862 17.90 7.51 -8.26
N LEU A 863 17.94 7.04 -7.01
CA LEU A 863 16.83 7.27 -6.10
C LEU A 863 16.71 8.77 -5.76
N ARG A 864 17.84 9.41 -5.42
CA ARG A 864 17.87 10.91 -5.39
C ARG A 864 17.08 11.62 -6.48
N ARG A 865 17.18 11.18 -7.73
CA ARG A 865 16.41 11.80 -8.82
C ARG A 865 14.90 11.63 -8.65
N HIS A 866 14.45 10.64 -7.89
CA HIS A 866 13.04 10.52 -7.59
C HIS A 866 12.73 10.84 -6.13
N GLY A 867 13.66 11.48 -5.46
CA GLY A 867 13.40 11.87 -4.07
C GLY A 867 11.99 12.39 -3.90
N LEU A 868 11.56 13.19 -4.86
CA LEU A 868 10.24 13.78 -4.74
C LEU A 868 9.12 12.75 -4.75
N LEU A 869 9.25 11.71 -5.56
CA LEU A 869 8.27 10.64 -5.52
C LEU A 869 8.17 9.99 -4.10
N PHE A 870 9.30 9.70 -3.47
CA PHE A 870 9.28 9.15 -2.12
C PHE A 870 8.70 10.08 -1.05
N LEU A 871 9.00 11.38 -1.15
CA LEU A 871 8.48 12.36 -0.17
C LEU A 871 6.99 12.50 -0.31
N HIS A 872 6.52 12.53 -1.56
CA HIS A 872 5.07 12.63 -1.75
C HIS A 872 4.40 11.36 -1.22
N LEU A 873 4.98 10.20 -1.51
CA LEU A 873 4.45 8.92 -1.04
C LEU A 873 4.47 8.78 0.48
N PHE A 874 5.51 9.29 1.12
CA PHE A 874 5.58 9.19 2.57
C PHE A 874 4.62 10.21 3.24
N ALA A 875 4.36 11.29 2.52
CA ALA A 875 3.49 12.35 2.97
C ALA A 875 2.09 11.83 3.04
N LEU A 876 1.66 11.09 2.01
CA LEU A 876 0.37 10.41 2.00
C LEU A 876 0.31 9.31 3.05
N MET A 877 1.43 8.66 3.32
CA MET A 877 1.46 7.60 4.33
C MET A 877 1.33 8.12 5.74
N ARG A 878 1.64 9.38 5.96
CA ARG A 878 1.26 10.05 7.20
C ARG A 878 -0.18 9.83 7.63
N ALA A 879 -1.05 9.51 6.69
CA ALA A 879 -2.46 9.26 7.02
C ALA A 879 -2.67 7.91 7.71
N ALA A 880 -1.58 7.17 7.94
CA ALA A 880 -1.71 5.78 8.38
C ALA A 880 -1.77 5.53 9.91
N GLY A 881 -1.27 6.49 10.69
CA GLY A 881 -1.05 6.27 12.12
C GLY A 881 -0.03 5.18 12.38
N LEU A 882 1.09 5.26 11.68
CA LEU A 882 2.22 4.38 11.90
C LEU A 882 3.14 5.05 12.90
N PRO A 883 3.33 4.43 14.06
CA PRO A 883 4.08 5.09 15.14
C PRO A 883 5.38 5.73 14.66
N GLU A 884 6.04 5.13 13.67
CA GLU A 884 7.33 5.61 13.23
C GLU A 884 7.23 6.55 12.04
N LEU A 885 6.00 6.84 11.62
CA LEU A 885 5.76 7.81 10.56
C LEU A 885 4.69 8.78 11.05
N SER A 886 5.09 9.63 11.99
CA SER A 886 4.19 10.41 12.83
C SER A 886 4.22 11.91 12.57
N CYS A 887 5.38 12.43 12.15
CA CYS A 887 5.64 13.87 12.10
C CYS A 887 6.80 14.25 11.16
N SER A 888 7.20 15.52 11.24
CA SER A 888 8.17 16.13 10.33
C SER A 888 9.56 15.56 10.36
N LYS A 889 10.02 15.21 11.56
CA LYS A 889 11.36 14.68 11.77
C LYS A 889 11.65 13.36 11.05
N ASP A 890 10.60 12.54 10.97
CA ASP A 890 10.60 11.33 10.15
C ASP A 890 10.73 11.64 8.65
N ILE A 891 9.98 12.63 8.16
CA ILE A 891 10.05 13.07 6.77
C ILE A 891 11.42 13.67 6.54
N GLN A 892 11.83 14.53 7.45
CA GLN A 892 13.16 15.14 7.41
C GLN A 892 14.22 14.06 7.29
N TYR A 893 13.98 12.92 7.94
CA TYR A 893 14.97 11.88 7.93
C TYR A 893 15.26 11.50 6.49
N LEU A 894 14.22 11.37 5.67
CA LEU A 894 14.37 11.08 4.24
C LEU A 894 15.03 12.22 3.47
N LYS A 895 14.64 13.46 3.78
CA LYS A 895 15.30 14.61 3.20
C LYS A 895 16.80 14.50 3.45
N ASP A 896 17.20 14.20 4.69
CA ASP A 896 18.64 14.15 5.02
C ASP A 896 19.34 12.93 4.43
N SER A 897 18.61 11.86 4.21
CA SER A 897 19.23 10.65 3.70
C SER A 897 19.42 10.73 2.17
N LEU A 898 18.51 11.39 1.48
CA LEU A 898 18.62 11.60 0.04
C LEU A 898 19.26 12.95 -0.36
N ALA A 899 19.75 13.70 0.64
CA ALA A 899 20.43 15.00 0.42
C ALA A 899 19.80 15.81 -0.71
N LEU A 900 18.48 15.97 -0.67
CA LEU A 900 17.77 16.41 -1.87
C LEU A 900 18.04 17.86 -2.20
N GLY A 901 18.42 18.65 -1.21
CA GLY A 901 18.66 20.08 -1.41
C GLY A 901 20.02 20.37 -1.99
N LYS A 902 20.89 19.36 -2.00
CA LYS A 902 22.26 19.52 -2.44
C LYS A 902 22.40 19.32 -3.93
N THR A 903 23.60 19.66 -4.42
CA THR A 903 23.99 19.35 -5.78
C THR A 903 24.38 17.87 -5.82
N GLU A 904 24.20 17.25 -6.98
CA GLU A 904 24.57 15.85 -7.14
C GLU A 904 26.07 15.64 -6.95
N GLU A 905 26.85 16.70 -7.11
CA GLU A 905 28.22 16.60 -6.68
C GLU A 905 28.23 16.48 -5.14
N GLU A 906 27.65 17.47 -4.45
CA GLU A 906 27.74 17.53 -2.99
C GLU A 906 27.26 16.25 -2.32
N ALA A 907 26.06 15.82 -2.71
CA ALA A 907 25.40 14.68 -2.07
C ALA A 907 26.20 13.37 -2.17
N LEU A 908 26.80 13.17 -3.34
CA LEU A 908 27.57 11.97 -3.63
C LEU A 908 28.85 11.89 -2.78
N LYS A 909 29.50 13.04 -2.62
CA LYS A 909 30.71 13.15 -1.81
C LYS A 909 30.36 13.00 -0.34
N HIS A 910 29.19 13.50 0.03
CA HIS A 910 28.69 13.35 1.37
C HIS A 910 28.47 11.88 1.62
N PHE A 911 27.67 11.28 0.74
CA PHE A 911 27.47 9.84 0.72
C PHE A 911 28.81 9.07 0.77
N ARG A 912 29.82 9.62 0.12
CA ARG A 912 31.13 8.96 0.10
C ARG A 912 31.81 8.93 1.46
N VAL A 913 31.52 9.91 2.31
CA VAL A 913 32.13 9.85 3.62
C VAL A 913 31.42 8.78 4.44
N LYS A 914 30.08 8.79 4.44
CA LYS A 914 29.32 7.80 5.18
C LYS A 914 29.82 6.41 4.82
N PHE A 915 29.98 6.17 3.53
CA PHE A 915 30.38 4.85 3.07
C PHE A 915 31.76 4.47 3.61
N ASN A 916 32.77 5.28 3.27
CA ASN A 916 34.12 5.14 3.80
C ASN A 916 34.05 4.98 5.32
N GLU A 917 33.34 5.88 5.97
CA GLU A 917 33.10 5.72 7.40
C GLU A 917 32.58 4.32 7.76
N ALA A 918 31.76 3.76 6.88
CA ALA A 918 31.20 2.42 7.11
C ALA A 918 32.24 1.32 6.88
N LEU A 919 33.03 1.43 5.83
CA LEU A 919 34.06 0.43 5.63
C LEU A 919 35.02 0.33 6.84
N ARG A 920 35.46 1.48 7.34
CA ARG A 920 36.42 1.50 8.44
C ARG A 920 35.84 0.81 9.67
N GLU A 921 34.52 0.70 9.67
CA GLU A 921 33.82 -0.04 10.70
C GLU A 921 33.88 -1.56 10.46
N SER A 922 33.88 -1.99 9.20
CA SER A 922 34.27 -3.36 8.83
C SER A 922 35.67 -3.60 9.48
N TRP A 923 35.69 -4.48 10.49
CA TRP A 923 36.77 -4.57 11.52
C TRP A 923 37.62 -3.32 11.74
#